data_6V9O
#
_entry.id   6V9O
#
_cell.length_a   184.144
_cell.length_b   184.144
_cell.length_c   178.865
_cell.angle_alpha   90.000
_cell.angle_beta   90.000
_cell.angle_gamma   90.000
#
_symmetry.space_group_name_H-M   'I 4 2 2'
#
loop_
_entity.id
_entity.type
_entity.pdbx_description
1 polymer 'GTPase HRas'
2 polymer 'Son of sevenless homolog 1'
3 polymer 'GTPase HRas'
4 non-polymer 'PHOSPHOAMINOPHOSPHONIC ACID-GUANYLATE ESTER'
5 non-polymer 'MAGNESIUM ION'
6 non-polymer 3-(phenylsulfonyl)benzene-1-sulfonamide
7 non-polymer 'FORMIC ACID'
8 non-polymer GLYCEROL
9 non-polymer 'SODIUM ION'
10 water water
#
loop_
_entity_poly.entity_id
_entity_poly.type
_entity_poly.pdbx_seq_one_letter_code
_entity_poly.pdbx_strand_id
1 'polypeptide(L)'
;GMTEYKLVVVGAGGVGKSALTIQLIQNHFVDEYDPTIEDSYRKQVVIDGET(CSO)LLDILDTAGQEEASAMRDQYMRTG
EGFLCVFAINNTKSFEDIHQYREQIKRVKDSDDVPMVLVGNKCDLAARTVESRQAQDLARSYGIPYIETSAKTRQGVEDA
FYTLVREIRQH
;
A
2 'polypeptide(L)'
;GQMRLPSADVYRFAEPDSEENIIFEENMQPKAGIPIIKAGTVIKLIERLTYHMYADPNFVRTFLTTYRSFCKPQELLSLI
IERFEIPEPEPTEADRIAIENGDQPLSAELKRFRKEYIQPVQLRVLNVCRHWVEHHFYDFERDAYLLQRMEEFIGTVRGK
AMKKWVESITKIIQRKKIARDNGPGHNITFQSSPPTVEWHISRPGHIETFDLLTLHPIEIARQLTLLESDLYRAVQPSEL
VGSVWTKEDKEINSPNLLKMIRHTTNLTLWFEKCIVETENLEERVAVVSRIIEILQVFQELNNFNGVLEVVSAMNSSPVY
RLDHTFEQIPSRQKKILEEAHELSEDHYKKYLAKLRSINPPCVPFFGIYLTNILKTEEGNPEVLKRHGKELINFSKRRKV
AEITGEIQQYQNQPYCLRVESDIKRFFENLNPMGNSMEKEFTDYLFNKSLEIEPRNPKPLPRFPKKYSYPLKSPGVRPSN
PR
;
B
3 'polypeptide(L)'
;GMTEYKLVVVGAGGVGKSALTIQLIQNHFVDEYDPTIEDSYRKQVVIDGETCLLDILDTAGQEEYSAMRDQYMRTGEGFL
CVFAINNTKSFEDIHQYREQIKRVKDSDDVPMVLVGNKCDLAARTVESRQAQDLARSYGIPYIETSAKTRQGVEDAFYTL
VREIRQH
;
C
#
loop_
_chem_comp.id
_chem_comp.type
_chem_comp.name
_chem_comp.formula
FMT non-polymer 'FORMIC ACID' 'C H2 O2'
GNP non-polymer 'PHOSPHOAMINOPHOSPHONIC ACID-GUANYLATE ESTER' 'C10 H17 N6 O13 P3'
GOL non-polymer GLYCEROL 'C3 H8 O3'
MG non-polymer 'MAGNESIUM ION' 'Mg 2'
NA non-polymer 'SODIUM ION' 'Na 1'
QTA non-polymer 3-(phenylsulfonyl)benzene-1-sulfonamide 'C12 H11 N O4 S2'
#
# COMPACT_ATOMS: atom_id res chain seq x y z
N MET A 2 14.22 -11.72 1.38
CA MET A 2 12.98 -12.33 0.91
C MET A 2 13.09 -12.81 -0.53
N THR A 3 12.98 -14.13 -0.73
CA THR A 3 12.97 -14.69 -2.07
C THR A 3 11.58 -14.55 -2.68
N GLU A 4 11.53 -14.22 -3.96
CA GLU A 4 10.27 -14.10 -4.68
C GLU A 4 10.05 -15.35 -5.53
N TYR A 5 8.82 -15.85 -5.53
CA TYR A 5 8.46 -17.08 -6.27
C TYR A 5 7.31 -16.78 -7.22
N LYS A 6 7.44 -17.22 -8.47
CA LYS A 6 6.40 -16.97 -9.47
C LYS A 6 5.60 -18.25 -9.68
N LEU A 7 4.39 -18.30 -9.11
CA LEU A 7 3.53 -19.46 -9.23
C LEU A 7 2.45 -19.19 -10.27
N VAL A 8 2.04 -20.23 -10.98
CA VAL A 8 0.98 -20.12 -11.99
C VAL A 8 -0.02 -21.24 -11.74
N VAL A 9 -1.30 -20.89 -11.76
CA VAL A 9 -2.39 -21.85 -11.53
C VAL A 9 -3.06 -22.12 -12.87
N VAL A 10 -3.07 -23.39 -13.31
CA VAL A 10 -3.58 -23.76 -14.63
C VAL A 10 -4.55 -24.93 -14.50
N GLY A 11 -5.36 -25.12 -15.52
CA GLY A 11 -6.36 -26.19 -15.51
C GLY A 11 -7.62 -25.76 -16.26
N ALA A 12 -8.49 -26.74 -16.48
CA ALA A 12 -9.70 -26.53 -17.28
C ALA A 12 -10.62 -25.49 -16.65
N GLY A 13 -11.48 -24.90 -17.48
CA GLY A 13 -12.46 -23.96 -16.99
C GLY A 13 -13.37 -24.53 -15.92
N GLY A 14 -13.55 -23.78 -14.84
CA GLY A 14 -14.51 -24.14 -13.80
C GLY A 14 -14.01 -25.07 -12.73
N VAL A 15 -12.73 -25.47 -12.76
CA VAL A 15 -12.26 -26.43 -11.76
C VAL A 15 -12.00 -25.79 -10.40
N GLY A 16 -11.94 -24.46 -10.33
CA GLY A 16 -11.74 -23.75 -9.08
C GLY A 16 -10.38 -23.09 -8.90
N LYS A 17 -9.68 -22.77 -9.99
CA LYS A 17 -8.39 -22.09 -9.89
C LYS A 17 -8.53 -20.76 -9.16
N SER A 18 -9.52 -19.96 -9.55
CA SER A 18 -9.70 -18.66 -8.91
C SER A 18 -10.14 -18.80 -7.47
N ALA A 19 -11.08 -19.72 -7.21
CA ALA A 19 -11.54 -19.91 -5.83
C ALA A 19 -10.40 -20.37 -4.92
N LEU A 20 -9.54 -21.26 -5.41
CA LEU A 20 -8.38 -21.66 -4.64
C LEU A 20 -7.48 -20.48 -4.32
N THR A 21 -7.20 -19.65 -5.34
CA THR A 21 -6.29 -18.52 -5.17
C THR A 21 -6.86 -17.49 -4.21
N ILE A 22 -8.14 -17.16 -4.35
CA ILE A 22 -8.76 -16.15 -3.48
C ILE A 22 -8.91 -16.67 -2.06
N GLN A 23 -9.17 -17.96 -1.89
CA GLN A 23 -9.13 -18.54 -0.54
C GLN A 23 -7.74 -18.38 0.09
N LEU A 24 -6.67 -18.68 -0.66
CA LEU A 24 -5.33 -18.47 -0.12
C LEU A 24 -5.06 -17.00 0.21
N ILE A 25 -5.48 -16.09 -0.68
CA ILE A 25 -5.11 -14.68 -0.54
C ILE A 25 -5.96 -13.99 0.52
N GLN A 26 -7.28 -14.24 0.53
CA GLN A 26 -8.22 -13.47 1.34
C GLN A 26 -8.97 -14.28 2.38
N ASN A 27 -8.77 -15.60 2.45
CA ASN A 27 -9.54 -16.47 3.34
C ASN A 27 -11.05 -16.39 3.06
N HIS A 28 -11.42 -16.22 1.79
CA HIS A 28 -12.82 -16.04 1.39
C HIS A 28 -13.12 -17.00 0.25
N PHE A 29 -14.30 -17.63 0.27
CA PHE A 29 -14.70 -18.54 -0.80
C PHE A 29 -15.64 -17.84 -1.77
N VAL A 30 -15.28 -17.85 -3.05
CA VAL A 30 -16.08 -17.21 -4.09
C VAL A 30 -17.10 -18.21 -4.63
N ASP A 31 -18.39 -17.89 -4.45
CA ASP A 31 -19.47 -18.73 -4.95
C ASP A 31 -19.73 -18.54 -6.44
N GLU A 32 -19.49 -17.33 -6.95
CA GLU A 32 -19.72 -17.05 -8.35
C GLU A 32 -18.69 -17.74 -9.23
N TYR A 33 -19.10 -17.96 -10.47
CA TYR A 33 -18.25 -18.54 -11.51
C TYR A 33 -18.11 -17.43 -12.55
N ASP A 34 -17.10 -16.58 -12.36
CA ASP A 34 -16.73 -15.51 -13.29
C ASP A 34 -15.48 -15.93 -14.03
N PRO A 35 -15.57 -16.33 -15.29
CA PRO A 35 -14.38 -16.88 -15.98
C PRO A 35 -13.25 -15.85 -16.08
N THR A 36 -12.07 -16.31 -15.70
CA THR A 36 -10.88 -15.48 -15.63
C THR A 36 -10.28 -15.28 -17.02
N ILE A 37 -9.68 -14.10 -17.23
CA ILE A 37 -8.84 -13.86 -18.39
C ILE A 37 -7.39 -13.95 -17.93
N GLU A 38 -6.99 -13.04 -17.04
CA GLU A 38 -5.74 -13.19 -16.30
C GLU A 38 -5.71 -12.24 -15.12
N ASP A 39 -5.43 -12.78 -13.92
CA ASP A 39 -5.36 -12.00 -12.70
C ASP A 39 -4.06 -12.35 -11.98
N SER A 40 -3.47 -11.38 -11.32
CA SER A 40 -2.22 -11.61 -10.59
C SER A 40 -2.38 -11.19 -9.15
N TYR A 41 -1.81 -12.00 -8.25
CA TYR A 41 -1.91 -11.76 -6.81
C TYR A 41 -0.53 -11.81 -6.19
N ARG A 42 -0.40 -11.22 -5.00
CA ARG A 42 0.86 -11.24 -4.28
C ARG A 42 0.60 -11.53 -2.82
N LYS A 43 1.47 -12.35 -2.21
CA LYS A 43 1.30 -12.77 -0.81
C LYS A 43 2.66 -12.91 -0.15
N GLN A 44 2.87 -12.17 0.94
CA GLN A 44 4.02 -12.38 1.81
C GLN A 44 3.65 -13.44 2.85
N VAL A 45 4.52 -14.43 3.02
CA VAL A 45 4.20 -15.54 3.92
C VAL A 45 5.49 -16.23 4.33
N VAL A 46 5.54 -16.65 5.60
CA VAL A 46 6.68 -17.42 6.11
C VAL A 46 6.42 -18.89 5.87
N ILE A 47 7.35 -19.55 5.15
CA ILE A 47 7.24 -20.98 4.85
C ILE A 47 8.53 -21.64 5.30
N ASP A 48 8.40 -22.68 6.12
CA ASP A 48 9.56 -23.35 6.71
C ASP A 48 10.54 -22.35 7.30
N GLY A 49 10.01 -21.38 8.04
CA GLY A 49 10.82 -20.40 8.74
C GLY A 49 11.44 -19.32 7.89
N GLU A 50 11.15 -19.26 6.60
CA GLU A 50 11.75 -18.29 5.70
C GLU A 50 10.65 -17.42 5.09
N THR A 51 10.83 -16.11 5.15
CA THR A 51 9.83 -15.23 4.56
C THR A 51 9.96 -15.24 3.06
N CSO A 52 8.85 -15.39 2.36
CA CSO A 52 8.93 -15.06 0.94
CB CSO A 52 9.20 -16.27 0.11
SG CSO A 52 7.99 -17.48 0.55
C CSO A 52 7.72 -14.40 0.38
O CSO A 52 6.70 -14.22 1.04
OD CSO A 52 9.05 -18.63 1.35
N LEU A 53 7.85 -14.08 -0.90
CA LEU A 53 6.90 -13.25 -1.59
C LEU A 53 6.42 -14.07 -2.76
N LEU A 54 5.15 -14.48 -2.73
CA LEU A 54 4.56 -15.28 -3.79
C LEU A 54 3.85 -14.37 -4.78
N ASP A 55 4.20 -14.47 -6.06
CA ASP A 55 3.41 -13.89 -7.13
C ASP A 55 2.60 -15.05 -7.70
N ILE A 56 1.27 -14.89 -7.75
CA ILE A 56 0.40 -15.98 -8.17
C ILE A 56 -0.38 -15.51 -9.38
N LEU A 57 -0.16 -16.17 -10.51
CA LEU A 57 -0.87 -15.87 -11.74
C LEU A 57 -2.06 -16.83 -11.85
N ASP A 58 -3.26 -16.26 -11.90
CA ASP A 58 -4.50 -17.01 -12.04
C ASP A 58 -4.93 -16.93 -13.52
N THR A 59 -4.98 -18.08 -14.19
CA THR A 59 -5.08 -18.08 -15.65
C THR A 59 -6.46 -18.51 -16.12
N ALA A 60 -6.66 -18.39 -17.43
CA ALA A 60 -7.95 -18.70 -18.06
C ALA A 60 -8.03 -20.20 -18.39
N GLY A 61 -9.10 -20.84 -17.93
CA GLY A 61 -9.36 -22.21 -18.31
C GLY A 61 -10.24 -22.36 -19.54
N GLN A 62 -11.04 -21.35 -19.87
CA GLN A 62 -11.92 -21.48 -21.03
C GLN A 62 -11.10 -21.69 -22.31
N GLU A 63 -11.57 -22.59 -23.17
CA GLU A 63 -10.81 -22.94 -24.36
C GLU A 63 -10.63 -21.76 -25.31
N GLU A 64 -11.53 -20.78 -25.25
CA GLU A 64 -11.38 -19.61 -26.11
C GLU A 64 -10.09 -18.84 -25.85
N ALA A 65 -9.45 -19.04 -24.70
CA ALA A 65 -8.18 -18.40 -24.39
C ALA A 65 -6.97 -19.32 -24.61
N SER A 66 -7.17 -20.47 -25.27
CA SER A 66 -6.14 -21.51 -25.27
C SER A 66 -4.90 -21.14 -26.07
N ALA A 67 -4.99 -20.14 -26.96
CA ALA A 67 -3.84 -19.74 -27.76
C ALA A 67 -2.97 -18.69 -27.07
N MET A 68 -3.22 -18.38 -25.81
CA MET A 68 -2.56 -17.28 -25.12
C MET A 68 -1.71 -17.75 -23.93
N ARG A 69 -1.26 -19.01 -23.93
CA ARG A 69 -0.63 -19.57 -22.74
C ARG A 69 0.89 -19.51 -22.76
N ASP A 70 1.52 -19.56 -23.93
CA ASP A 70 2.99 -19.60 -23.97
C ASP A 70 3.60 -18.47 -23.15
N GLN A 71 3.03 -17.27 -23.25
CA GLN A 71 3.60 -16.10 -22.58
C GLN A 71 3.68 -16.30 -21.07
N TYR A 72 2.63 -16.81 -20.46
CA TYR A 72 2.70 -16.98 -19.01
C TYR A 72 3.47 -18.22 -18.59
N MET A 73 3.56 -19.23 -19.45
CA MET A 73 4.33 -20.41 -19.08
C MET A 73 5.82 -20.14 -19.11
N ARG A 74 6.27 -19.22 -19.99
CA ARG A 74 7.69 -18.88 -20.02
C ARG A 74 8.13 -18.26 -18.70
N THR A 75 7.31 -17.40 -18.12
CA THR A 75 7.74 -16.66 -16.93
C THR A 75 7.53 -17.43 -15.63
N GLY A 76 6.61 -18.38 -15.59
CA GLY A 76 6.31 -19.06 -14.33
C GLY A 76 7.44 -19.97 -13.90
N GLU A 77 7.67 -20.02 -12.58
N GLU A 77 7.66 -20.04 -12.58
CA GLU A 77 8.66 -20.93 -12.01
CA GLU A 77 8.66 -20.93 -12.01
C GLU A 77 8.03 -22.28 -11.65
C GLU A 77 8.08 -22.23 -11.48
N GLY A 78 6.81 -22.27 -11.17
CA GLY A 78 6.15 -23.49 -10.73
C GLY A 78 4.68 -23.42 -11.08
N PHE A 79 4.07 -24.59 -11.27
CA PHE A 79 2.69 -24.64 -11.76
C PHE A 79 1.82 -25.54 -10.90
N LEU A 80 0.72 -24.98 -10.41
N LEU A 80 0.66 -25.01 -10.51
CA LEU A 80 -0.36 -25.80 -9.85
CA LEU A 80 -0.39 -25.78 -9.83
C LEU A 80 -1.23 -26.28 -10.99
C LEU A 80 -1.36 -26.28 -10.89
N CYS A 81 -1.31 -27.59 -11.19
CA CYS A 81 -2.11 -28.17 -12.26
C CYS A 81 -3.39 -28.72 -11.64
N VAL A 82 -4.51 -28.00 -11.84
CA VAL A 82 -5.73 -28.22 -11.09
C VAL A 82 -6.77 -28.90 -11.97
N PHE A 83 -7.40 -29.96 -11.44
CA PHE A 83 -8.64 -30.51 -12.00
C PHE A 83 -9.65 -30.59 -10.86
N ALA A 84 -10.89 -30.90 -11.18
CA ALA A 84 -11.93 -31.09 -10.18
C ALA A 84 -12.29 -32.56 -10.09
N ILE A 85 -12.39 -33.08 -8.85
CA ILE A 85 -12.56 -34.52 -8.68
C ILE A 85 -13.95 -35.00 -9.07
N ASN A 86 -14.87 -34.09 -9.42
CA ASN A 86 -16.18 -34.47 -9.94
C ASN A 86 -16.30 -34.16 -11.43
N ASN A 87 -15.19 -33.99 -12.14
N ASN A 87 -15.18 -34.02 -12.13
CA ASN A 87 -15.23 -33.69 -13.58
CA ASN A 87 -15.15 -33.62 -13.55
C ASN A 87 -14.11 -34.48 -14.25
C ASN A 87 -14.04 -34.43 -14.23
N THR A 88 -14.47 -35.60 -14.89
N THR A 88 -14.40 -35.56 -14.84
CA THR A 88 -13.47 -36.47 -15.49
CA THR A 88 -13.37 -36.41 -15.44
C THR A 88 -12.76 -35.78 -16.64
C THR A 88 -12.73 -35.77 -16.67
N LYS A 89 -13.47 -34.96 -17.41
CA LYS A 89 -12.84 -34.28 -18.54
C LYS A 89 -11.72 -33.35 -18.08
N SER A 90 -11.93 -32.66 -16.95
CA SER A 90 -10.88 -31.78 -16.44
C SER A 90 -9.63 -32.56 -16.03
N PHE A 91 -9.82 -33.80 -15.55
CA PHE A 91 -8.65 -34.64 -15.27
C PHE A 91 -7.95 -35.06 -16.56
N GLU A 92 -8.72 -35.39 -17.60
CA GLU A 92 -8.12 -35.74 -18.88
C GLU A 92 -7.41 -34.54 -19.51
N ASP A 93 -7.85 -33.32 -19.21
CA ASP A 93 -7.17 -32.13 -19.74
C ASP A 93 -5.83 -31.88 -19.07
N ILE A 94 -5.54 -32.52 -17.92
CA ILE A 94 -4.30 -32.24 -17.19
C ILE A 94 -3.08 -32.52 -18.05
N HIS A 95 -3.08 -33.64 -18.78
CA HIS A 95 -1.87 -34.01 -19.50
C HIS A 95 -1.53 -32.99 -20.57
N GLN A 96 -2.55 -32.35 -21.17
N GLN A 96 -2.54 -32.33 -21.14
CA GLN A 96 -2.27 -31.30 -22.15
CA GLN A 96 -2.29 -31.32 -22.16
C GLN A 96 -1.50 -30.15 -21.53
C GLN A 96 -1.56 -30.11 -21.57
N TYR A 97 -1.93 -29.68 -20.35
CA TYR A 97 -1.21 -28.61 -19.68
C TYR A 97 0.20 -29.04 -19.31
N ARG A 98 0.34 -30.25 -18.78
CA ARG A 98 1.66 -30.77 -18.45
C ARG A 98 2.60 -30.77 -19.66
N GLU A 99 2.10 -31.23 -20.81
CA GLU A 99 2.96 -31.32 -21.99
C GLU A 99 3.27 -29.94 -22.55
N GLN A 100 2.29 -29.03 -22.53
CA GLN A 100 2.56 -27.69 -23.02
C GLN A 100 3.60 -26.98 -22.17
N ILE A 101 3.51 -27.12 -20.83
CA ILE A 101 4.48 -26.47 -19.96
C ILE A 101 5.88 -27.00 -20.26
N LYS A 102 6.00 -28.32 -20.39
CA LYS A 102 7.31 -28.92 -20.69
C LYS A 102 7.86 -28.43 -22.01
N ARG A 103 7.00 -28.32 -23.04
N ARG A 103 6.99 -28.30 -23.02
CA ARG A 103 7.46 -27.84 -24.33
CA ARG A 103 7.44 -27.83 -24.34
C ARG A 103 7.91 -26.39 -24.25
C ARG A 103 7.90 -26.38 -24.29
N VAL A 104 7.10 -25.51 -23.65
CA VAL A 104 7.42 -24.09 -23.61
C VAL A 104 8.68 -23.82 -22.83
N LYS A 105 8.82 -24.45 -21.67
CA LYS A 105 10.00 -24.23 -20.84
C LYS A 105 11.16 -25.12 -21.25
N ASP A 106 10.97 -25.96 -22.27
CA ASP A 106 12.00 -26.87 -22.80
C ASP A 106 12.70 -27.61 -21.67
N SER A 107 11.90 -28.27 -20.82
CA SER A 107 12.44 -28.91 -19.64
C SER A 107 11.53 -30.06 -19.22
N ASP A 108 12.15 -31.14 -18.77
CA ASP A 108 11.46 -32.28 -18.19
C ASP A 108 11.33 -32.16 -16.68
N ASP A 109 11.77 -31.04 -16.10
CA ASP A 109 12.00 -30.93 -14.66
C ASP A 109 11.38 -29.66 -14.09
N VAL A 110 10.17 -29.32 -14.53
CA VAL A 110 9.51 -28.08 -14.07
C VAL A 110 8.80 -28.33 -12.75
N PRO A 111 8.98 -27.49 -11.72
CA PRO A 111 8.22 -27.65 -10.49
C PRO A 111 6.71 -27.62 -10.73
N MET A 112 6.03 -28.67 -10.27
N MET A 112 6.03 -28.67 -10.27
CA MET A 112 4.58 -28.80 -10.43
CA MET A 112 4.58 -28.76 -10.43
C MET A 112 3.98 -29.54 -9.25
C MET A 112 3.99 -29.52 -9.25
N VAL A 113 2.70 -29.27 -9.00
CA VAL A 113 1.90 -30.02 -8.04
C VAL A 113 0.58 -30.35 -8.72
N LEU A 114 0.13 -31.60 -8.61
CA LEU A 114 -1.17 -32.00 -9.14
C LEU A 114 -2.23 -31.76 -8.07
N VAL A 115 -3.29 -31.01 -8.40
CA VAL A 115 -4.29 -30.62 -7.40
C VAL A 115 -5.65 -31.14 -7.84
N GLY A 116 -6.28 -31.96 -6.99
CA GLY A 116 -7.65 -32.39 -7.20
C GLY A 116 -8.59 -31.57 -6.33
N ASN A 117 -9.31 -30.62 -6.93
CA ASN A 117 -10.09 -29.65 -6.18
C ASN A 117 -11.54 -30.11 -6.03
N LYS A 118 -12.27 -29.39 -5.17
CA LYS A 118 -13.69 -29.65 -4.85
C LYS A 118 -13.85 -30.94 -4.05
N CYS A 119 -12.88 -31.24 -3.18
CA CYS A 119 -12.93 -32.49 -2.40
C CYS A 119 -13.96 -32.45 -1.29
N ASP A 120 -14.65 -31.32 -1.12
CA ASP A 120 -15.78 -31.24 -0.20
C ASP A 120 -17.03 -31.89 -0.77
N LEU A 121 -17.07 -32.14 -2.07
CA LEU A 121 -18.24 -32.69 -2.72
C LEU A 121 -18.22 -34.22 -2.64
N ALA A 122 -19.36 -34.80 -2.26
CA ALA A 122 -19.42 -36.25 -2.08
C ALA A 122 -19.32 -37.01 -3.41
N ALA A 123 -19.91 -36.46 -4.47
CA ALA A 123 -20.10 -37.19 -5.73
C ALA A 123 -18.84 -37.11 -6.60
N ARG A 124 -17.82 -37.83 -6.16
CA ARG A 124 -16.54 -37.89 -6.87
C ARG A 124 -16.64 -38.77 -8.12
N THR A 125 -15.99 -38.35 -9.21
CA THR A 125 -15.88 -39.19 -10.40
C THR A 125 -14.44 -39.54 -10.79
N VAL A 126 -13.44 -38.87 -10.22
CA VAL A 126 -12.04 -39.21 -10.41
C VAL A 126 -11.53 -39.78 -9.08
N GLU A 127 -11.12 -41.05 -9.09
CA GLU A 127 -10.63 -41.65 -7.86
C GLU A 127 -9.23 -41.16 -7.52
N SER A 128 -8.94 -41.06 -6.21
CA SER A 128 -7.63 -40.58 -5.77
C SER A 128 -6.50 -41.42 -6.37
N ARG A 129 -6.72 -42.73 -6.47
CA ARG A 129 -5.69 -43.63 -6.98
C ARG A 129 -5.30 -43.29 -8.41
N GLN A 130 -6.28 -43.01 -9.28
CA GLN A 130 -5.96 -42.66 -10.66
C GLN A 130 -5.16 -41.38 -10.73
N ALA A 131 -5.51 -40.37 -9.92
CA ALA A 131 -4.74 -39.14 -9.91
C ALA A 131 -3.35 -39.35 -9.34
N GLN A 132 -3.25 -40.15 -8.27
CA GLN A 132 -1.95 -40.40 -7.67
C GLN A 132 -1.03 -41.13 -8.65
N ASP A 133 -1.57 -42.08 -9.41
CA ASP A 133 -0.76 -42.78 -10.42
C ASP A 133 -0.20 -41.81 -11.44
N LEU A 134 -1.03 -40.86 -11.90
CA LEU A 134 -0.57 -39.85 -12.85
C LEU A 134 0.53 -38.99 -12.24
N ALA A 135 0.29 -38.49 -11.01
CA ALA A 135 1.31 -37.68 -10.34
C ALA A 135 2.64 -38.44 -10.23
N ARG A 136 2.59 -39.72 -9.84
CA ARG A 136 3.83 -40.47 -9.73
C ARG A 136 4.55 -40.55 -11.07
N SER A 137 3.79 -40.68 -12.17
CA SER A 137 4.39 -40.74 -13.49
C SER A 137 5.05 -39.43 -13.87
N TYR A 138 4.60 -38.31 -13.29
CA TYR A 138 5.22 -37.01 -13.49
C TYR A 138 6.29 -36.70 -12.46
N GLY A 139 6.42 -37.52 -11.42
CA GLY A 139 7.37 -37.23 -10.36
C GLY A 139 6.96 -36.12 -9.43
N ILE A 140 5.65 -35.88 -9.25
CA ILE A 140 5.19 -34.72 -8.48
C ILE A 140 4.18 -35.18 -7.45
N PRO A 141 3.96 -34.39 -6.39
CA PRO A 141 2.95 -34.77 -5.40
C PRO A 141 1.54 -34.45 -5.88
N TYR A 142 0.59 -35.13 -5.25
CA TYR A 142 -0.83 -34.97 -5.50
C TYR A 142 -1.52 -34.53 -4.22
N ILE A 143 -2.24 -33.43 -4.27
CA ILE A 143 -2.88 -32.86 -3.08
C ILE A 143 -4.34 -32.58 -3.42
N GLU A 144 -5.25 -33.14 -2.63
CA GLU A 144 -6.67 -32.84 -2.80
C GLU A 144 -7.05 -31.63 -1.95
N THR A 145 -7.86 -30.75 -2.52
CA THR A 145 -8.16 -29.45 -1.93
C THR A 145 -9.65 -29.17 -1.98
N SER A 146 -10.07 -28.25 -1.11
CA SER A 146 -11.38 -27.61 -1.22
C SER A 146 -11.19 -26.11 -1.03
N ALA A 147 -11.47 -25.34 -2.09
CA ALA A 147 -11.47 -23.89 -1.93
C ALA A 147 -12.60 -23.44 -1.01
N LYS A 148 -13.62 -24.26 -0.85
CA LYS A 148 -14.76 -23.91 0.00
C LYS A 148 -14.42 -24.05 1.48
N THR A 149 -13.81 -25.16 1.87
CA THR A 149 -13.53 -25.41 3.28
C THR A 149 -12.12 -25.07 3.71
N ARG A 150 -11.20 -24.79 2.77
CA ARG A 150 -9.76 -24.55 2.93
C ARG A 150 -8.97 -25.84 3.04
N GLN A 151 -9.60 -27.01 3.07
CA GLN A 151 -8.85 -28.25 3.16
C GLN A 151 -7.78 -28.31 2.08
N GLY A 152 -6.53 -28.55 2.49
CA GLY A 152 -5.41 -28.74 1.57
C GLY A 152 -4.90 -27.51 0.84
N VAL A 153 -5.49 -26.33 1.05
CA VAL A 153 -5.17 -25.21 0.17
C VAL A 153 -3.75 -24.70 0.44
N GLU A 154 -3.42 -24.44 1.70
CA GLU A 154 -2.05 -24.04 2.02
C GLU A 154 -1.05 -25.12 1.62
N ASP A 155 -1.40 -26.38 1.88
CA ASP A 155 -0.51 -27.48 1.53
C ASP A 155 -0.17 -27.47 0.05
N ALA A 156 -1.16 -27.25 -0.80
CA ALA A 156 -0.93 -27.27 -2.24
C ALA A 156 0.03 -26.16 -2.66
N PHE A 157 -0.28 -24.92 -2.28
CA PHE A 157 0.55 -23.80 -2.71
C PHE A 157 1.93 -23.86 -2.08
N TYR A 158 2.01 -24.18 -0.78
CA TYR A 158 3.32 -24.14 -0.14
C TYR A 158 4.19 -25.33 -0.52
N THR A 159 3.56 -26.47 -0.87
CA THR A 159 4.34 -27.58 -1.45
C THR A 159 5.00 -27.15 -2.75
N LEU A 160 4.27 -26.39 -3.59
CA LEU A 160 4.86 -25.92 -4.83
C LEU A 160 6.01 -24.95 -4.57
N VAL A 161 5.88 -24.09 -3.57
CA VAL A 161 7.00 -23.22 -3.19
C VAL A 161 8.23 -24.06 -2.84
N ARG A 162 8.04 -25.11 -2.04
CA ARG A 162 9.17 -25.94 -1.65
C ARG A 162 9.83 -26.59 -2.85
N GLU A 163 9.05 -26.94 -3.88
N GLU A 163 9.02 -27.01 -3.84
CA GLU A 163 9.64 -27.57 -5.05
CA GLU A 163 9.56 -27.57 -5.07
C GLU A 163 10.40 -26.59 -5.92
C GLU A 163 10.44 -26.56 -5.80
N ILE A 164 9.95 -25.33 -5.95
CA ILE A 164 10.74 -24.29 -6.60
C ILE A 164 12.02 -24.05 -5.81
N ARG A 165 11.91 -24.00 -4.48
CA ARG A 165 13.06 -23.72 -3.64
C ARG A 165 14.15 -24.78 -3.80
N GLN A 166 13.77 -26.04 -3.95
CA GLN A 166 14.73 -27.13 -4.06
C GLN A 166 15.16 -27.38 -5.51
N HIS A 167 14.58 -26.68 -6.47
CA HIS A 167 14.85 -26.90 -7.89
C HIS A 167 16.28 -26.52 -8.29
N GLY B 1 7.06 -15.18 -41.07
CA GLY B 1 7.23 -13.77 -40.82
C GLY B 1 6.19 -13.23 -39.86
N GLN B 2 6.38 -11.99 -39.42
CA GLN B 2 5.37 -11.38 -38.56
C GLN B 2 4.07 -11.20 -39.31
N MET B 3 2.97 -11.15 -38.55
CA MET B 3 1.69 -10.83 -39.14
C MET B 3 1.72 -9.41 -39.67
N ARG B 4 1.09 -9.20 -40.81
CA ARG B 4 0.84 -7.84 -41.24
C ARG B 4 -0.25 -7.22 -40.38
N LEU B 5 -0.24 -5.90 -40.29
CA LEU B 5 -1.14 -5.14 -39.45
C LEU B 5 -2.07 -4.28 -40.27
N PRO B 6 -3.18 -3.81 -39.69
CA PRO B 6 -4.00 -2.83 -40.40
C PRO B 6 -3.17 -1.59 -40.71
N SER B 7 -3.58 -0.87 -41.74
CA SER B 7 -2.99 0.43 -42.02
C SER B 7 -3.16 1.35 -40.82
N ALA B 8 -2.08 2.03 -40.42
CA ALA B 8 -2.16 2.95 -39.30
C ALA B 8 -3.11 4.12 -39.56
N ASP B 9 -3.54 4.31 -40.80
CA ASP B 9 -4.51 5.35 -41.13
C ASP B 9 -5.93 4.97 -40.73
N VAL B 10 -6.26 3.68 -40.74
CA VAL B 10 -7.58 3.24 -40.29
C VAL B 10 -7.56 2.71 -38.85
N TYR B 11 -6.39 2.41 -38.29
CA TYR B 11 -6.31 1.84 -36.95
C TYR B 11 -5.05 2.38 -36.28
N ARG B 12 -5.22 3.31 -35.34
CA ARG B 12 -4.11 4.09 -34.82
C ARG B 12 -3.10 3.24 -34.04
N PHE B 13 -3.51 2.09 -33.53
CA PHE B 13 -2.64 1.27 -32.68
C PHE B 13 -1.65 0.42 -33.47
N ALA B 14 -1.55 0.62 -34.78
CA ALA B 14 -0.60 -0.09 -35.63
C ALA B 14 0.57 0.77 -36.04
N GLU B 15 0.68 1.99 -35.51
CA GLU B 15 1.84 2.82 -35.79
C GLU B 15 3.10 2.15 -35.24
N PRO B 16 4.21 2.17 -35.97
CA PRO B 16 5.43 1.55 -35.45
C PRO B 16 5.93 2.25 -34.19
N ASP B 17 6.50 1.46 -33.29
CA ASP B 17 7.26 2.00 -32.16
C ASP B 17 8.37 2.90 -32.65
N SER B 18 8.54 4.04 -32.00
CA SER B 18 9.69 4.90 -32.25
C SER B 18 10.00 5.64 -30.95
N GLU B 19 11.20 6.23 -30.90
CA GLU B 19 11.55 7.04 -29.74
C GLU B 19 10.68 8.29 -29.63
N GLU B 20 9.93 8.63 -30.66
CA GLU B 20 8.98 9.74 -30.58
C GLU B 20 7.65 9.34 -29.96
N ASN B 21 7.39 8.05 -29.73
CA ASN B 21 6.14 7.66 -29.10
C ASN B 21 6.25 6.64 -27.96
N ILE B 22 7.40 6.01 -27.74
CA ILE B 22 7.55 5.07 -26.63
C ILE B 22 9.03 4.93 -26.30
N ILE B 23 9.33 4.90 -24.99
CA ILE B 23 10.68 4.72 -24.50
C ILE B 23 10.68 3.61 -23.47
N PHE B 24 11.58 2.64 -23.64
CA PHE B 24 11.66 1.51 -22.73
C PHE B 24 12.78 1.69 -21.72
N GLU B 25 12.59 1.14 -20.52
CA GLU B 25 13.68 1.05 -19.57
C GLU B 25 14.75 0.07 -20.07
N GLU B 26 15.97 0.26 -19.57
CA GLU B 26 17.06 -0.67 -19.86
C GLU B 26 16.94 -1.92 -18.99
N GLY B 33 10.58 -11.88 -19.34
CA GLY B 33 11.47 -10.90 -19.95
C GLY B 33 10.74 -9.93 -20.86
N ILE B 34 9.61 -9.43 -20.41
CA ILE B 34 8.81 -8.50 -21.21
C ILE B 34 9.37 -7.09 -21.00
N PRO B 35 9.22 -6.19 -21.97
CA PRO B 35 9.77 -4.84 -21.83
C PRO B 35 9.06 -4.06 -20.74
N ILE B 36 9.79 -3.12 -20.14
CA ILE B 36 9.26 -2.21 -19.13
C ILE B 36 9.23 -0.80 -19.72
N ILE B 37 8.08 -0.15 -19.65
CA ILE B 37 7.90 1.13 -20.33
C ILE B 37 8.30 2.26 -19.41
N LYS B 38 9.21 3.11 -19.89
CA LYS B 38 9.56 4.33 -19.16
C LYS B 38 8.59 5.47 -19.48
N ALA B 39 8.25 5.65 -20.75
CA ALA B 39 7.41 6.76 -21.17
C ALA B 39 6.75 6.42 -22.49
N GLY B 40 5.61 7.06 -22.76
CA GLY B 40 5.01 6.89 -24.08
C GLY B 40 3.78 7.76 -24.25
N THR B 41 3.29 7.83 -25.50
CA THR B 41 2.00 8.47 -25.71
C THR B 41 0.90 7.61 -25.12
N VAL B 42 -0.27 8.22 -24.89
CA VAL B 42 -1.38 7.44 -24.33
C VAL B 42 -1.77 6.31 -25.28
N ILE B 43 -1.71 6.54 -26.60
CA ILE B 43 -1.99 5.50 -27.58
C ILE B 43 -1.04 4.32 -27.40
N LYS B 44 0.26 4.59 -27.24
CA LYS B 44 1.22 3.50 -27.05
C LYS B 44 1.04 2.81 -25.71
N LEU B 45 0.69 3.57 -24.66
CA LEU B 45 0.43 2.92 -23.37
C LEU B 45 -0.73 1.96 -23.47
N ILE B 46 -1.80 2.36 -24.18
CA ILE B 46 -2.96 1.48 -24.28
C ILE B 46 -2.66 0.30 -25.18
N GLU B 47 -1.89 0.51 -26.26
CA GLU B 47 -1.45 -0.61 -27.08
C GLU B 47 -0.73 -1.67 -26.24
N ARG B 48 0.20 -1.23 -25.39
CA ARG B 48 0.97 -2.20 -24.64
C ARG B 48 0.17 -2.78 -23.48
N LEU B 49 -0.80 -2.02 -22.98
CA LEU B 49 -1.72 -2.52 -21.96
C LEU B 49 -2.52 -3.71 -22.47
N THR B 50 -2.72 -3.79 -23.78
CA THR B 50 -3.59 -4.79 -24.39
C THR B 50 -2.85 -5.49 -25.51
N TYR B 51 -1.57 -5.80 -25.27
CA TYR B 51 -0.66 -6.20 -26.34
C TYR B 51 -0.95 -7.63 -26.82
N HIS B 52 -0.79 -7.88 -28.12
CA HIS B 52 -1.15 -9.19 -28.62
C HIS B 52 -0.13 -10.28 -28.26
N MET B 53 1.11 -9.91 -27.93
CA MET B 53 2.15 -10.92 -27.71
CA MET B 53 2.13 -10.93 -27.71
C MET B 53 2.19 -11.45 -26.28
N TYR B 54 1.75 -10.66 -25.32
CA TYR B 54 1.86 -11.11 -23.94
C TYR B 54 0.89 -10.33 -23.07
N ALA B 55 0.55 -10.92 -21.92
CA ALA B 55 -0.20 -10.23 -20.89
C ALA B 55 0.75 -9.63 -19.86
N ASP B 56 0.33 -8.52 -19.26
CA ASP B 56 1.12 -7.86 -18.22
C ASP B 56 0.17 -7.51 -17.09
N PRO B 57 -0.16 -8.47 -16.24
CA PRO B 57 -1.19 -8.24 -15.21
C PRO B 57 -0.81 -7.14 -14.25
N ASN B 58 0.47 -7.01 -13.94
CA ASN B 58 0.89 -5.90 -13.09
C ASN B 58 0.68 -4.57 -13.80
N PHE B 59 0.84 -4.54 -15.12
CA PHE B 59 0.59 -3.32 -15.88
C PHE B 59 -0.88 -2.91 -15.81
N VAL B 60 -1.80 -3.88 -15.87
CA VAL B 60 -3.22 -3.54 -15.80
C VAL B 60 -3.52 -2.86 -14.47
N ARG B 61 -3.01 -3.41 -13.37
CA ARG B 61 -3.21 -2.80 -12.06
C ARG B 61 -2.56 -1.42 -11.98
N THR B 62 -1.30 -1.31 -12.40
N THR B 62 -1.33 -1.28 -12.45
CA THR B 62 -0.61 -0.02 -12.39
CA THR B 62 -0.67 0.01 -12.32
C THR B 62 -1.40 1.02 -13.17
C THR B 62 -1.28 1.07 -13.23
N PHE B 63 -1.74 0.68 -14.42
CA PHE B 63 -2.44 1.62 -15.29
C PHE B 63 -3.78 2.05 -14.69
N LEU B 64 -4.62 1.09 -14.28
CA LEU B 64 -5.95 1.44 -13.81
C LEU B 64 -5.91 2.19 -12.48
N THR B 65 -4.85 1.98 -11.70
CA THR B 65 -4.68 2.75 -10.45
C THR B 65 -4.29 4.21 -10.72
N THR B 66 -3.50 4.48 -11.76
CA THR B 66 -2.84 5.77 -11.90
C THR B 66 -3.21 6.58 -13.12
N TYR B 67 -4.04 6.06 -14.03
CA TYR B 67 -4.18 6.69 -15.35
C TYR B 67 -4.83 8.07 -15.30
N ARG B 68 -5.59 8.38 -14.25
CA ARG B 68 -6.34 9.62 -14.25
C ARG B 68 -5.44 10.84 -14.17
N SER B 69 -4.16 10.66 -13.82
CA SER B 69 -3.19 11.74 -13.88
C SER B 69 -2.77 12.10 -15.30
N PHE B 70 -3.16 11.31 -16.31
CA PHE B 70 -2.85 11.66 -17.69
C PHE B 70 -3.97 11.42 -18.69
N CYS B 71 -5.10 10.85 -18.29
CA CYS B 71 -6.19 10.56 -19.23
C CYS B 71 -7.49 10.55 -18.45
N LYS B 72 -8.53 11.22 -18.98
CA LYS B 72 -9.81 11.20 -18.27
C LYS B 72 -10.52 9.86 -18.43
N PRO B 73 -11.33 9.44 -17.44
CA PRO B 73 -12.07 8.18 -17.58
C PRO B 73 -12.87 8.08 -18.88
N GLN B 74 -13.59 9.13 -19.28
CA GLN B 74 -14.37 9.07 -20.52
C GLN B 74 -13.45 8.83 -21.72
N GLU B 75 -12.27 9.43 -21.70
CA GLU B 75 -11.35 9.29 -22.82
C GLU B 75 -10.71 7.91 -22.84
N LEU B 76 -10.40 7.37 -21.66
CA LEU B 76 -9.90 5.99 -21.60
C LEU B 76 -10.90 5.02 -22.23
N LEU B 77 -12.18 5.16 -21.89
CA LEU B 77 -13.17 4.24 -22.46
C LEU B 77 -13.24 4.38 -23.98
N SER B 78 -13.25 5.61 -24.49
CA SER B 78 -13.22 5.79 -25.95
C SER B 78 -12.02 5.10 -26.57
N LEU B 79 -10.85 5.22 -25.93
CA LEU B 79 -9.64 4.65 -26.51
C LEU B 79 -9.65 3.12 -26.47
N ILE B 80 -10.19 2.51 -25.41
CA ILE B 80 -10.14 1.05 -25.45
C ILE B 80 -11.23 0.49 -26.37
N ILE B 81 -12.34 1.21 -26.56
CA ILE B 81 -13.30 0.80 -27.59
C ILE B 81 -12.66 0.89 -28.97
N GLU B 82 -11.91 1.97 -29.22
CA GLU B 82 -11.18 2.10 -30.48
C GLU B 82 -10.16 0.97 -30.64
N ARG B 83 -9.47 0.61 -29.56
CA ARG B 83 -8.53 -0.52 -29.60
C ARG B 83 -9.24 -1.82 -29.97
N PHE B 84 -10.44 -2.03 -29.42
CA PHE B 84 -11.18 -3.28 -29.61
C PHE B 84 -11.61 -3.49 -31.06
N GLU B 85 -11.92 -2.42 -31.78
CA GLU B 85 -12.54 -2.52 -33.10
CA GLU B 85 -12.54 -2.52 -33.10
C GLU B 85 -11.45 -2.62 -34.17
N ILE B 86 -10.93 -3.83 -34.34
CA ILE B 86 -9.78 -4.10 -35.21
C ILE B 86 -10.30 -4.54 -36.57
N PRO B 87 -9.85 -3.93 -37.65
CA PRO B 87 -10.30 -4.36 -38.98
C PRO B 87 -9.62 -5.65 -39.41
N GLU B 88 -10.39 -6.52 -40.14
CA GLU B 88 -9.83 -7.76 -40.64
C GLU B 88 -9.17 -7.54 -42.00
N PRO B 89 -8.11 -8.29 -42.32
CA PRO B 89 -7.43 -8.09 -43.61
C PRO B 89 -8.25 -8.62 -44.78
N GLU B 90 -7.94 -8.11 -45.96
CA GLU B 90 -8.60 -8.56 -47.19
C GLU B 90 -8.06 -9.93 -47.63
N PRO B 91 -8.80 -10.65 -48.47
CA PRO B 91 -8.29 -11.94 -48.97
C PRO B 91 -6.98 -11.76 -49.70
N THR B 92 -6.09 -12.75 -49.54
CA THR B 92 -4.81 -12.74 -50.23
C THR B 92 -4.98 -13.23 -51.67
N GLU B 93 -3.87 -13.17 -52.43
CA GLU B 93 -3.90 -13.60 -53.81
C GLU B 93 -4.31 -15.07 -53.96
N ALA B 94 -3.80 -15.93 -53.07
CA ALA B 94 -4.21 -17.34 -53.11
C ALA B 94 -5.70 -17.49 -52.82
N ASP B 95 -6.21 -16.72 -51.87
CA ASP B 95 -7.64 -16.76 -51.59
C ASP B 95 -8.44 -16.31 -52.80
N ARG B 96 -8.00 -15.23 -53.44
CA ARG B 96 -8.68 -14.71 -54.62
C ARG B 96 -8.76 -15.75 -55.73
N ILE B 97 -7.66 -16.45 -55.98
CA ILE B 97 -7.62 -17.44 -57.05
C ILE B 97 -8.55 -18.61 -56.74
N ALA B 98 -8.63 -19.03 -55.48
CA ALA B 98 -9.57 -20.09 -55.11
C ALA B 98 -11.01 -19.65 -55.35
N ILE B 99 -11.35 -18.44 -54.90
CA ILE B 99 -12.71 -17.93 -55.07
C ILE B 99 -13.07 -17.83 -56.55
N GLU B 100 -12.11 -17.40 -57.39
CA GLU B 100 -12.38 -17.31 -58.82
C GLU B 100 -12.64 -18.66 -59.45
N ASN B 101 -12.18 -19.74 -58.82
CA ASN B 101 -12.43 -21.09 -59.31
C ASN B 101 -13.65 -21.72 -58.65
N GLY B 102 -14.39 -20.96 -57.85
CA GLY B 102 -15.54 -21.51 -57.18
C GLY B 102 -15.22 -22.38 -55.98
N ASP B 103 -13.98 -22.32 -55.49
CA ASP B 103 -13.56 -23.11 -54.34
C ASP B 103 -13.55 -22.25 -53.07
N GLN B 104 -13.55 -22.93 -51.94
CA GLN B 104 -13.47 -22.18 -50.68
C GLN B 104 -12.02 -21.77 -50.43
N PRO B 105 -11.75 -20.52 -50.08
CA PRO B 105 -10.37 -20.13 -49.81
C PRO B 105 -9.89 -20.73 -48.50
N LEU B 106 -8.57 -20.93 -48.42
CA LEU B 106 -7.97 -21.39 -47.17
C LEU B 106 -7.96 -20.29 -46.12
N SER B 107 -7.81 -19.04 -46.54
CA SER B 107 -7.82 -17.88 -45.64
C SER B 107 -6.80 -18.03 -44.51
N ALA B 108 -5.63 -18.57 -44.85
CA ALA B 108 -4.65 -18.88 -43.82
C ALA B 108 -4.21 -17.62 -43.07
N GLU B 109 -3.97 -16.53 -43.79
CA GLU B 109 -3.49 -15.32 -43.14
C GLU B 109 -4.60 -14.67 -42.31
N LEU B 110 -5.83 -14.67 -42.84
CA LEU B 110 -6.97 -14.15 -42.07
C LEU B 110 -7.16 -14.94 -40.77
N LYS B 111 -7.14 -16.27 -40.86
CA LYS B 111 -7.33 -17.09 -39.66
C LYS B 111 -6.22 -16.86 -38.65
N ARG B 112 -4.99 -16.69 -39.10
CA ARG B 112 -3.89 -16.45 -38.16
C ARG B 112 -4.04 -15.09 -37.49
N PHE B 113 -4.40 -14.06 -38.26
CA PHE B 113 -4.56 -12.73 -37.68
C PHE B 113 -5.69 -12.71 -36.64
N ARG B 114 -6.79 -13.42 -36.92
CA ARG B 114 -7.84 -13.56 -35.91
C ARG B 114 -7.33 -14.23 -34.64
N LYS B 115 -6.60 -15.33 -34.81
CA LYS B 115 -6.19 -16.15 -33.68
C LYS B 115 -5.08 -15.49 -32.88
N GLU B 116 -4.15 -14.82 -33.55
CA GLU B 116 -2.94 -14.33 -32.89
C GLU B 116 -2.90 -12.83 -32.66
N TYR B 117 -3.78 -12.06 -33.30
CA TYR B 117 -3.85 -10.63 -33.05
C TYR B 117 -5.21 -10.22 -32.50
N ILE B 118 -6.30 -10.44 -33.24
CA ILE B 118 -7.59 -9.89 -32.83
C ILE B 118 -8.06 -10.51 -31.52
N GLN B 119 -8.06 -11.84 -31.44
CA GLN B 119 -8.63 -12.44 -30.22
C GLN B 119 -7.83 -12.13 -28.97
N PRO B 120 -6.48 -12.16 -29.00
CA PRO B 120 -5.76 -11.75 -27.77
C PRO B 120 -5.94 -10.29 -27.41
N VAL B 121 -5.91 -9.38 -28.39
CA VAL B 121 -6.10 -7.96 -28.09
C VAL B 121 -7.49 -7.72 -27.53
N GLN B 122 -8.50 -8.31 -28.17
CA GLN B 122 -9.89 -8.10 -27.72
C GLN B 122 -10.09 -8.68 -26.32
N LEU B 123 -9.53 -9.87 -26.07
CA LEU B 123 -9.64 -10.44 -24.74
C LEU B 123 -8.94 -9.56 -23.71
N ARG B 124 -7.80 -9.00 -24.08
CA ARG B 124 -7.09 -8.15 -23.11
C ARG B 124 -7.80 -6.81 -22.91
N VAL B 125 -8.48 -6.28 -23.93
CA VAL B 125 -9.37 -5.12 -23.71
C VAL B 125 -10.46 -5.49 -22.71
N LEU B 126 -11.10 -6.64 -22.90
CA LEU B 126 -12.14 -7.05 -21.96
C LEU B 126 -11.58 -7.25 -20.56
N ASN B 127 -10.34 -7.72 -20.45
CA ASN B 127 -9.74 -7.87 -19.12
C ASN B 127 -9.52 -6.52 -18.47
N VAL B 128 -9.13 -5.50 -19.24
CA VAL B 128 -9.08 -4.14 -18.70
C VAL B 128 -10.46 -3.72 -18.19
N CYS B 129 -11.51 -3.95 -19.01
CA CYS B 129 -12.86 -3.60 -18.56
C CYS B 129 -13.24 -4.34 -17.29
N ARG B 130 -12.94 -5.62 -17.22
CA ARG B 130 -13.27 -6.42 -16.05
C ARG B 130 -12.56 -5.89 -14.80
N HIS B 131 -11.26 -5.61 -14.91
CA HIS B 131 -10.53 -5.06 -13.77
C HIS B 131 -11.02 -3.68 -13.40
N TRP B 132 -11.35 -2.87 -14.41
CA TRP B 132 -11.84 -1.51 -14.17
C TRP B 132 -13.11 -1.57 -13.32
N VAL B 133 -14.05 -2.43 -13.70
CA VAL B 133 -15.32 -2.54 -12.98
C VAL B 133 -15.12 -3.19 -11.62
N GLU B 134 -14.28 -4.23 -11.53
CA GLU B 134 -14.18 -4.95 -10.27
C GLU B 134 -13.37 -4.20 -9.22
N HIS B 135 -12.31 -3.49 -9.62
CA HIS B 135 -11.37 -2.93 -8.68
C HIS B 135 -11.26 -1.42 -8.70
N HIS B 136 -11.93 -0.76 -9.66
CA HIS B 136 -11.86 0.70 -9.77
C HIS B 136 -13.22 1.25 -10.11
N PHE B 137 -14.26 0.68 -9.47
CA PHE B 137 -15.63 1.00 -9.80
C PHE B 137 -15.99 2.43 -9.44
N TYR B 138 -15.18 3.10 -8.61
CA TYR B 138 -15.51 4.48 -8.24
C TYR B 138 -15.62 5.40 -9.44
N ASP B 139 -14.89 5.12 -10.53
CA ASP B 139 -15.08 5.95 -11.73
C ASP B 139 -16.53 5.96 -12.18
N PHE B 140 -17.19 4.80 -12.09
CA PHE B 140 -18.59 4.66 -12.51
C PHE B 140 -19.57 5.14 -11.45
N GLU B 141 -19.22 5.02 -10.16
CA GLU B 141 -20.08 5.59 -9.12
C GLU B 141 -20.15 7.10 -9.24
N ARG B 142 -19.07 7.73 -9.69
CA ARG B 142 -18.97 9.19 -9.76
C ARG B 142 -19.40 9.74 -11.10
N ASP B 143 -19.60 8.89 -12.10
CA ASP B 143 -20.03 9.34 -13.43
C ASP B 143 -21.00 8.31 -13.99
N ALA B 144 -22.30 8.55 -13.79
CA ALA B 144 -23.30 7.59 -14.25
C ALA B 144 -23.27 7.42 -15.77
N TYR B 145 -22.92 8.47 -16.50
CA TYR B 145 -22.87 8.36 -17.95
C TYR B 145 -21.72 7.47 -18.41
N LEU B 146 -20.60 7.50 -17.69
CA LEU B 146 -19.51 6.56 -17.98
C LEU B 146 -19.99 5.12 -17.85
N LEU B 147 -20.78 4.84 -16.81
CA LEU B 147 -21.28 3.48 -16.62
C LEU B 147 -22.23 3.08 -17.73
N GLN B 148 -23.11 4.00 -18.14
CA GLN B 148 -23.99 3.71 -19.28
C GLN B 148 -23.18 3.35 -20.52
N ARG B 149 -22.10 4.09 -20.80
CA ARG B 149 -21.30 3.79 -21.99
C ARG B 149 -20.64 2.42 -21.88
N MET B 150 -20.14 2.07 -20.70
CA MET B 150 -19.52 0.76 -20.52
C MET B 150 -20.55 -0.35 -20.68
N GLU B 151 -21.73 -0.19 -20.09
CA GLU B 151 -22.79 -1.20 -20.26
C GLU B 151 -23.16 -1.38 -21.72
N GLU B 152 -23.25 -0.27 -22.46
CA GLU B 152 -23.63 -0.36 -23.87
C GLU B 152 -22.53 -1.01 -24.69
N PHE B 153 -21.27 -0.67 -24.42
CA PHE B 153 -20.17 -1.30 -25.14
C PHE B 153 -20.15 -2.81 -24.91
N ILE B 154 -20.14 -3.22 -23.63
CA ILE B 154 -20.06 -4.65 -23.31
C ILE B 154 -21.27 -5.38 -23.85
N GLY B 155 -22.46 -4.79 -23.68
CA GLY B 155 -23.68 -5.45 -24.08
C GLY B 155 -23.88 -5.55 -25.57
N THR B 156 -23.04 -4.91 -26.38
CA THR B 156 -23.17 -5.01 -27.84
C THR B 156 -21.97 -5.66 -28.51
N VAL B 157 -21.07 -6.29 -27.76
CA VAL B 157 -20.01 -7.10 -28.36
C VAL B 157 -20.61 -8.37 -28.93
N ARG B 158 -20.41 -8.61 -30.22
CA ARG B 158 -20.98 -9.75 -30.90
C ARG B 158 -19.94 -10.86 -31.08
N GLY B 159 -20.41 -12.04 -31.43
CA GLY B 159 -19.47 -13.08 -31.82
C GLY B 159 -19.08 -13.99 -30.69
N LYS B 160 -18.95 -15.28 -31.00
CA LYS B 160 -18.93 -16.30 -29.97
C LYS B 160 -17.63 -16.37 -29.21
N ALA B 161 -16.52 -15.90 -29.78
CA ALA B 161 -15.24 -16.05 -29.07
C ALA B 161 -15.22 -15.28 -27.75
N MET B 162 -15.84 -14.10 -27.72
CA MET B 162 -15.86 -13.27 -26.51
C MET B 162 -17.10 -13.50 -25.64
N LYS B 163 -18.03 -14.35 -26.07
CA LYS B 163 -19.36 -14.40 -25.47
C LYS B 163 -19.33 -14.71 -23.98
N LYS B 164 -18.49 -15.66 -23.56
CA LYS B 164 -18.46 -16.03 -22.15
C LYS B 164 -18.08 -14.84 -21.27
N TRP B 165 -17.11 -14.05 -21.72
CA TRP B 165 -16.65 -12.93 -20.90
C TRP B 165 -17.57 -11.72 -21.00
N VAL B 166 -18.22 -11.55 -22.15
CA VAL B 166 -19.20 -10.47 -22.29
C VAL B 166 -20.36 -10.69 -21.33
N GLU B 167 -20.90 -11.90 -21.30
CA GLU B 167 -22.01 -12.20 -20.40
C GLU B 167 -21.58 -12.12 -18.95
N SER B 168 -20.36 -12.55 -18.65
CA SER B 168 -19.86 -12.45 -17.28
C SER B 168 -19.71 -10.99 -16.85
N ILE B 169 -19.08 -10.17 -17.68
CA ILE B 169 -18.84 -8.78 -17.30
C ILE B 169 -20.17 -8.03 -17.15
N THR B 170 -21.15 -8.34 -18.00
CA THR B 170 -22.47 -7.74 -17.83
C THR B 170 -23.02 -8.04 -16.43
N LYS B 171 -22.91 -9.31 -15.99
CA LYS B 171 -23.42 -9.66 -14.67
C LYS B 171 -22.62 -9.01 -13.56
N ILE B 172 -21.30 -8.94 -13.71
CA ILE B 172 -20.46 -8.30 -12.69
C ILE B 172 -20.84 -6.84 -12.53
N ILE B 173 -21.07 -6.15 -13.64
CA ILE B 173 -21.49 -4.74 -13.56
C ILE B 173 -22.79 -4.61 -12.78
N GLN B 174 -23.78 -5.45 -13.11
CA GLN B 174 -25.08 -5.33 -12.43
C GLN B 174 -24.94 -5.63 -10.94
N ARG B 175 -24.08 -6.59 -10.58
N ARG B 175 -24.05 -6.56 -10.56
CA ARG B 175 -23.79 -6.85 -9.17
CA ARG B 175 -23.84 -6.83 -9.15
C ARG B 175 -23.20 -5.63 -8.49
C ARG B 175 -23.14 -5.67 -8.44
N LYS B 176 -22.16 -5.05 -9.11
CA LYS B 176 -21.47 -3.90 -8.51
C LYS B 176 -22.41 -2.73 -8.28
N LYS B 177 -23.45 -2.61 -9.10
CA LYS B 177 -24.37 -1.48 -8.96
C LYS B 177 -25.15 -1.56 -7.65
N ILE B 178 -25.64 -2.75 -7.29
CA ILE B 178 -26.48 -2.89 -6.11
C ILE B 178 -25.69 -3.33 -4.88
N ALA B 179 -24.36 -3.37 -4.97
CA ALA B 179 -23.51 -3.79 -3.86
C ALA B 179 -23.13 -2.60 -2.98
N ASN B 187 -17.27 -12.70 4.10
CA ASN B 187 -17.36 -14.02 4.71
C ASN B 187 -15.99 -14.69 4.70
N ILE B 188 -15.52 -15.09 5.89
CA ILE B 188 -14.14 -15.47 6.13
C ILE B 188 -14.10 -16.86 6.74
N THR B 189 -13.16 -17.69 6.31
CA THR B 189 -12.94 -19.02 6.89
C THR B 189 -11.47 -19.18 7.31
N PHE B 190 -11.24 -19.83 8.46
CA PHE B 190 -9.93 -19.86 9.10
C PHE B 190 -9.38 -21.26 9.32
N GLN B 191 -8.05 -21.32 9.48
CA GLN B 191 -7.35 -22.56 9.84
C GLN B 191 -7.65 -23.02 11.26
N SER B 192 -8.14 -22.13 12.15
CA SER B 192 -8.38 -22.49 13.53
C SER B 192 -9.49 -21.63 14.10
N SER B 193 -9.88 -21.93 15.35
CA SER B 193 -10.80 -21.07 16.07
C SER B 193 -10.04 -19.90 16.70
N PRO B 194 -10.66 -18.72 16.77
CA PRO B 194 -10.02 -17.61 17.47
C PRO B 194 -9.94 -17.90 18.95
N PRO B 195 -8.96 -17.31 19.65
CA PRO B 195 -8.83 -17.55 21.09
C PRO B 195 -10.00 -16.96 21.87
N THR B 196 -10.16 -17.47 23.10
CA THR B 196 -11.23 -17.00 23.96
C THR B 196 -11.01 -15.56 24.39
N VAL B 197 -12.08 -14.75 24.38
CA VAL B 197 -12.00 -13.38 24.85
C VAL B 197 -11.65 -13.36 26.33
N GLU B 198 -10.72 -12.48 26.71
CA GLU B 198 -10.22 -12.40 28.08
C GLU B 198 -10.81 -11.21 28.84
N TRP B 199 -11.15 -11.43 30.11
CA TRP B 199 -11.74 -10.41 30.96
C TRP B 199 -10.92 -10.27 32.24
N HIS B 200 -10.93 -9.06 32.80
CA HIS B 200 -10.16 -8.70 33.99
C HIS B 200 -11.14 -8.15 35.03
N ILE B 201 -11.01 -6.89 35.45
CA ILE B 201 -11.90 -6.33 36.47
C ILE B 201 -13.29 -6.08 35.89
N SER B 202 -13.37 -5.38 34.76
CA SER B 202 -14.64 -5.20 34.07
C SER B 202 -15.13 -6.54 33.55
N ARG B 203 -16.41 -6.82 33.79
CA ARG B 203 -17.00 -8.08 33.37
C ARG B 203 -17.90 -7.87 32.14
N PRO B 204 -18.21 -8.94 31.41
CA PRO B 204 -19.02 -8.78 30.18
C PRO B 204 -20.32 -8.02 30.44
N GLY B 205 -20.61 -7.06 29.57
CA GLY B 205 -21.80 -6.25 29.66
C GLY B 205 -21.70 -5.04 30.58
N HIS B 206 -20.60 -4.86 31.29
CA HIS B 206 -20.49 -3.76 32.26
C HIS B 206 -19.65 -2.62 31.69
N ILE B 207 -20.15 -2.08 30.58
CA ILE B 207 -19.41 -1.12 29.77
C ILE B 207 -19.10 0.15 30.57
N GLU B 208 -19.92 0.45 31.57
CA GLU B 208 -19.73 1.65 32.39
C GLU B 208 -18.44 1.60 33.21
N THR B 209 -17.88 0.42 33.44
CA THR B 209 -16.63 0.30 34.18
C THR B 209 -15.40 0.17 33.27
N PHE B 210 -15.59 0.07 31.95
CA PHE B 210 -14.46 -0.12 31.04
C PHE B 210 -13.48 1.04 31.15
N ASP B 211 -12.19 0.71 31.19
CA ASP B 211 -11.14 1.72 31.29
C ASP B 211 -9.81 1.01 31.02
N LEU B 212 -8.75 1.82 30.96
CA LEU B 212 -7.43 1.30 30.63
C LEU B 212 -6.99 0.16 31.56
N LEU B 213 -7.23 0.29 32.86
CA LEU B 213 -6.74 -0.70 33.83
C LEU B 213 -7.76 -1.78 34.17
N THR B 214 -9.04 -1.61 33.78
CA THR B 214 -10.08 -2.55 34.15
C THR B 214 -10.40 -3.56 33.04
N LEU B 215 -10.21 -3.19 31.78
CA LEU B 215 -10.23 -4.20 30.72
C LEU B 215 -8.93 -5.01 30.78
N HIS B 216 -8.99 -6.22 30.25
CA HIS B 216 -7.79 -7.06 30.22
C HIS B 216 -6.81 -6.50 29.18
N PRO B 217 -5.53 -6.32 29.53
CA PRO B 217 -4.60 -5.75 28.54
C PRO B 217 -4.48 -6.58 27.27
N ILE B 218 -4.59 -7.90 27.36
CA ILE B 218 -4.59 -8.71 26.14
C ILE B 218 -5.76 -8.32 25.26
N GLU B 219 -6.95 -8.15 25.86
CA GLU B 219 -8.15 -7.91 25.08
C GLU B 219 -8.21 -6.48 24.56
N ILE B 220 -7.66 -5.51 25.30
CA ILE B 220 -7.47 -4.18 24.75
C ILE B 220 -6.67 -4.24 23.47
N ALA B 221 -5.54 -4.95 23.49
CA ALA B 221 -4.69 -5.02 22.30
C ALA B 221 -5.39 -5.76 21.17
N ARG B 222 -6.12 -6.83 21.47
CA ARG B 222 -6.82 -7.57 20.40
C ARG B 222 -7.92 -6.72 19.76
N GLN B 223 -8.74 -6.06 20.57
CA GLN B 223 -9.87 -5.31 20.01
C GLN B 223 -9.40 -4.07 19.27
N LEU B 224 -8.35 -3.41 19.77
CA LEU B 224 -7.77 -2.30 19.00
C LEU B 224 -7.14 -2.79 17.71
N THR B 225 -6.56 -4.00 17.72
CA THR B 225 -5.98 -4.54 16.49
C THR B 225 -7.06 -4.84 15.46
N LEU B 226 -8.18 -5.44 15.87
CA LEU B 226 -9.30 -5.63 14.95
C LEU B 226 -9.79 -4.30 14.39
N LEU B 227 -9.95 -3.29 15.26
CA LEU B 227 -10.41 -1.99 14.80
C LEU B 227 -9.43 -1.35 13.83
N GLU B 228 -8.14 -1.37 14.19
CA GLU B 228 -7.12 -0.73 13.35
C GLU B 228 -6.87 -1.50 12.06
N SER B 229 -7.02 -2.83 12.10
CA SER B 229 -6.96 -3.62 10.86
C SER B 229 -8.11 -3.26 9.93
N ASP B 230 -9.34 -3.18 10.45
CA ASP B 230 -10.47 -2.80 9.60
C ASP B 230 -10.27 -1.40 9.01
N LEU B 231 -9.76 -0.46 9.81
CA LEU B 231 -9.50 0.88 9.28
C LEU B 231 -8.42 0.86 8.20
N TYR B 232 -7.35 0.08 8.41
CA TYR B 232 -6.29 -0.05 7.41
C TYR B 232 -6.84 -0.64 6.12
N ARG B 233 -7.63 -1.71 6.22
CA ARG B 233 -8.15 -2.42 5.06
C ARG B 233 -9.16 -1.60 4.27
N ALA B 234 -9.78 -0.59 4.87
CA ALA B 234 -10.78 0.20 4.16
C ALA B 234 -10.20 1.25 3.22
N VAL B 235 -8.90 1.56 3.30
CA VAL B 235 -8.34 2.64 2.50
C VAL B 235 -8.12 2.18 1.06
N GLN B 236 -8.72 2.87 0.11
CA GLN B 236 -8.61 2.51 -1.30
C GLN B 236 -7.56 3.37 -2.00
N PRO B 237 -7.00 2.89 -3.13
CA PRO B 237 -6.00 3.70 -3.84
C PRO B 237 -6.50 5.06 -4.30
N SER B 238 -7.80 5.18 -4.57
CA SER B 238 -8.37 6.45 -4.98
C SER B 238 -8.17 7.55 -3.94
N GLU B 239 -7.96 7.17 -2.68
N GLU B 239 -7.97 7.17 -2.67
CA GLU B 239 -7.70 8.14 -1.62
CA GLU B 239 -7.71 8.16 -1.63
C GLU B 239 -6.26 8.59 -1.58
C GLU B 239 -6.25 8.57 -1.56
N LEU B 240 -5.38 7.98 -2.38
CA LEU B 240 -3.94 8.19 -2.30
C LEU B 240 -3.35 8.79 -3.57
N VAL B 241 -3.76 8.31 -4.74
CA VAL B 241 -3.15 8.81 -5.97
C VAL B 241 -3.47 10.29 -6.14
N GLY B 242 -2.51 11.02 -6.69
CA GLY B 242 -2.67 12.45 -6.81
C GLY B 242 -2.48 13.21 -5.53
N SER B 243 -2.01 12.55 -4.47
CA SER B 243 -1.75 13.14 -3.16
C SER B 243 -2.99 13.83 -2.59
N VAL B 244 -4.17 13.27 -2.88
CA VAL B 244 -5.40 14.01 -2.63
C VAL B 244 -5.71 14.15 -1.15
N TRP B 245 -5.10 13.34 -0.28
CA TRP B 245 -5.31 13.47 1.17
C TRP B 245 -4.63 14.70 1.76
N THR B 246 -3.78 15.37 0.98
CA THR B 246 -3.13 16.61 1.42
C THR B 246 -3.80 17.87 0.88
N LYS B 247 -4.77 17.74 -0.04
CA LYS B 247 -5.31 18.88 -0.77
C LYS B 247 -6.60 19.37 -0.11
N GLU B 248 -7.15 20.46 -0.67
CA GLU B 248 -8.28 21.14 -0.03
C GLU B 248 -9.51 20.24 0.10
N ASP B 249 -9.72 19.34 -0.87
CA ASP B 249 -10.88 18.45 -0.82
C ASP B 249 -10.58 17.11 -0.13
N LYS B 250 -9.57 17.07 0.76
CA LYS B 250 -9.17 15.81 1.37
C LYS B 250 -10.32 15.11 2.10
N GLU B 251 -11.24 15.86 2.72
CA GLU B 251 -12.32 15.17 3.44
C GLU B 251 -13.25 14.44 2.48
N ILE B 252 -13.36 14.95 1.26
CA ILE B 252 -14.21 14.32 0.24
C ILE B 252 -13.50 13.13 -0.38
N ASN B 253 -12.21 13.28 -0.67
CA ASN B 253 -11.51 12.30 -1.48
C ASN B 253 -10.80 11.24 -0.66
N SER B 254 -10.49 11.48 0.62
CA SER B 254 -9.71 10.52 1.42
C SER B 254 -10.36 10.23 2.78
N PRO B 255 -11.69 9.98 2.82
CA PRO B 255 -12.34 9.86 4.14
C PRO B 255 -11.93 8.63 4.94
N ASN B 256 -11.68 7.48 4.30
CA ASN B 256 -11.26 6.31 5.08
C ASN B 256 -9.84 6.47 5.60
N LEU B 257 -8.95 7.04 4.80
CA LEU B 257 -7.59 7.31 5.30
C LEU B 257 -7.65 8.24 6.50
N LEU B 258 -8.41 9.34 6.39
CA LEU B 258 -8.45 10.31 7.49
C LEU B 258 -9.07 9.70 8.74
N LYS B 259 -10.11 8.88 8.59
N LYS B 259 -10.10 8.88 8.59
CA LYS B 259 -10.69 8.20 9.74
CA LYS B 259 -10.68 8.21 9.76
C LYS B 259 -9.65 7.32 10.42
C LYS B 259 -9.65 7.32 10.42
N MET B 260 -8.83 6.63 9.62
CA MET B 260 -7.79 5.76 10.17
C MET B 260 -6.75 6.58 10.93
N ILE B 261 -6.30 7.69 10.36
CA ILE B 261 -5.29 8.51 11.03
C ILE B 261 -5.88 9.13 12.29
N ARG B 262 -7.12 9.60 12.22
CA ARG B 262 -7.70 10.23 13.40
C ARG B 262 -7.91 9.24 14.54
N HIS B 263 -8.21 7.97 14.22
CA HIS B 263 -8.21 6.94 15.28
C HIS B 263 -6.84 6.84 15.94
N THR B 264 -5.79 6.75 15.14
CA THR B 264 -4.43 6.63 15.67
C THR B 264 -4.08 7.82 16.57
N THR B 265 -4.39 9.03 16.12
CA THR B 265 -4.13 10.23 16.92
C THR B 265 -4.92 10.19 18.23
N ASN B 266 -6.20 9.84 18.15
CA ASN B 266 -7.02 9.81 19.36
C ASN B 266 -6.52 8.79 20.38
N LEU B 267 -6.10 7.61 19.91
CA LEU B 267 -5.60 6.61 20.86
C LEU B 267 -4.30 7.06 21.51
N THR B 268 -3.41 7.66 20.72
CA THR B 268 -2.18 8.19 21.30
C THR B 268 -2.48 9.23 22.38
N LEU B 269 -3.37 10.17 22.07
CA LEU B 269 -3.74 11.18 23.06
C LEU B 269 -4.45 10.57 24.27
N TRP B 270 -5.23 9.50 24.07
CA TRP B 270 -5.86 8.85 25.23
C TRP B 270 -4.81 8.25 26.16
N PHE B 271 -3.80 7.58 25.58
CA PHE B 271 -2.70 7.05 26.39
C PHE B 271 -2.04 8.18 27.18
N GLU B 272 -1.73 9.29 26.51
CA GLU B 272 -1.13 10.43 27.20
C GLU B 272 -2.02 10.94 28.33
N LYS B 273 -3.32 11.09 28.05
CA LYS B 273 -4.25 11.59 29.05
C LYS B 273 -4.36 10.63 30.24
N CYS B 274 -4.44 9.32 29.97
CA CYS B 274 -4.47 8.36 31.08
C CYS B 274 -3.25 8.52 31.97
N ILE B 275 -2.08 8.76 31.37
CA ILE B 275 -0.85 8.86 32.14
C ILE B 275 -0.86 10.14 32.99
N VAL B 276 -1.00 11.30 32.35
CA VAL B 276 -0.79 12.55 33.10
C VAL B 276 -1.97 12.91 34.01
N GLU B 277 -3.16 12.34 33.80
CA GLU B 277 -4.25 12.57 34.74
C GLU B 277 -4.20 11.62 35.94
N THR B 278 -3.25 10.70 35.97
CA THR B 278 -3.01 9.85 37.14
C THR B 278 -1.92 10.55 37.94
N GLU B 279 -2.34 11.35 38.94
CA GLU B 279 -1.38 12.21 39.62
C GLU B 279 -0.54 11.48 40.68
N ASN B 280 -1.09 10.46 41.31
CA ASN B 280 -0.32 9.65 42.25
C ASN B 280 0.78 8.89 41.52
N LEU B 281 2.02 8.99 42.01
CA LEU B 281 3.16 8.41 41.30
C LEU B 281 3.04 6.91 41.16
N GLU B 282 2.73 6.20 42.26
CA GLU B 282 2.61 4.75 42.20
C GLU B 282 1.54 4.32 41.21
N GLU B 283 0.40 5.01 41.20
CA GLU B 283 -0.65 4.64 40.24
C GLU B 283 -0.22 4.95 38.81
N ARG B 284 0.51 6.04 38.61
CA ARG B 284 0.94 6.40 37.25
C ARG B 284 1.95 5.39 36.72
N VAL B 285 2.81 4.87 37.58
CA VAL B 285 3.71 3.79 37.18
C VAL B 285 2.90 2.59 36.70
N ALA B 286 1.82 2.25 37.40
CA ALA B 286 1.00 1.11 36.97
C ALA B 286 0.34 1.39 35.62
N VAL B 287 -0.05 2.64 35.37
CA VAL B 287 -0.64 3.00 34.08
C VAL B 287 0.38 2.86 32.96
N VAL B 288 1.58 3.40 33.14
CA VAL B 288 2.61 3.31 32.09
C VAL B 288 2.97 1.86 31.86
N SER B 289 3.11 1.09 32.94
N SER B 289 3.14 1.09 32.94
CA SER B 289 3.45 -0.33 32.82
CA SER B 289 3.44 -0.34 32.83
C SER B 289 2.37 -1.09 32.05
C SER B 289 2.37 -1.06 32.03
N ARG B 290 1.09 -0.76 32.29
CA ARG B 290 0.02 -1.43 31.55
C ARG B 290 0.07 -1.09 30.07
N ILE B 291 0.40 0.16 29.73
CA ILE B 291 0.46 0.54 28.33
C ILE B 291 1.61 -0.17 27.63
N ILE B 292 2.74 -0.37 28.34
CA ILE B 292 3.83 -1.13 27.73
C ILE B 292 3.44 -2.60 27.54
N GLU B 293 2.62 -3.16 28.45
CA GLU B 293 2.12 -4.52 28.21
C GLU B 293 1.24 -4.58 26.98
N ILE B 294 0.39 -3.56 26.78
CA ILE B 294 -0.44 -3.51 25.58
C ILE B 294 0.44 -3.46 24.34
N LEU B 295 1.51 -2.65 24.41
CA LEU B 295 2.50 -2.60 23.34
C LEU B 295 3.07 -3.99 23.04
N GLN B 296 3.41 -4.75 24.09
CA GLN B 296 3.94 -6.10 23.87
C GLN B 296 2.97 -6.98 23.08
N VAL B 297 1.67 -6.89 23.40
CA VAL B 297 0.70 -7.70 22.66
C VAL B 297 0.54 -7.19 21.22
N PHE B 298 0.53 -5.86 21.04
CA PHE B 298 0.56 -5.30 19.68
C PHE B 298 1.72 -5.89 18.87
N GLN B 299 2.92 -5.95 19.48
CA GLN B 299 4.07 -6.54 18.79
C GLN B 299 3.79 -7.99 18.42
N GLU B 300 3.22 -8.74 19.36
CA GLU B 300 2.95 -10.16 19.08
C GLU B 300 1.95 -10.33 17.95
N LEU B 301 1.02 -9.39 17.79
CA LEU B 301 0.00 -9.44 16.75
C LEU B 301 0.45 -8.80 15.44
N ASN B 302 1.68 -8.29 15.35
CA ASN B 302 2.16 -7.54 14.18
C ASN B 302 1.29 -6.32 13.91
N ASN B 303 0.73 -5.70 14.96
CA ASN B 303 -0.01 -4.46 14.75
C ASN B 303 1.00 -3.32 14.93
N PHE B 304 1.65 -2.94 13.82
CA PHE B 304 2.67 -1.91 13.91
C PHE B 304 2.07 -0.52 14.10
N ASN B 305 0.88 -0.29 13.57
CA ASN B 305 0.17 0.96 13.90
C ASN B 305 0.00 1.09 15.42
N GLY B 306 -0.44 0.01 16.07
CA GLY B 306 -0.61 0.03 17.53
C GLY B 306 0.69 0.23 18.27
N VAL B 307 1.75 -0.48 17.84
CA VAL B 307 3.08 -0.27 18.41
C VAL B 307 3.45 1.21 18.39
N LEU B 308 3.29 1.85 17.23
CA LEU B 308 3.73 3.25 17.16
C LEU B 308 2.77 4.21 17.84
N GLU B 309 1.49 3.85 17.99
CA GLU B 309 0.60 4.64 18.85
C GLU B 309 1.15 4.76 20.25
N VAL B 310 1.67 3.65 20.79
CA VAL B 310 2.25 3.67 22.13
C VAL B 310 3.56 4.44 22.14
N VAL B 311 4.44 4.14 21.18
CA VAL B 311 5.73 4.82 21.12
C VAL B 311 5.55 6.33 21.01
N SER B 312 4.63 6.78 20.13
CA SER B 312 4.33 8.21 20.00
C SER B 312 3.91 8.82 21.32
N ALA B 313 3.07 8.12 22.08
CA ALA B 313 2.63 8.64 23.38
C ALA B 313 3.79 8.74 24.35
N MET B 314 4.66 7.72 24.39
CA MET B 314 5.76 7.74 25.35
C MET B 314 6.80 8.78 25.01
N ASN B 315 6.84 9.23 23.77
CA ASN B 315 7.79 10.26 23.36
C ASN B 315 7.16 11.63 23.21
N SER B 316 5.88 11.76 23.57
CA SER B 316 5.25 13.08 23.57
C SER B 316 5.87 13.96 24.65
N SER B 317 5.83 15.27 24.44
N SER B 317 5.82 15.27 24.47
CA SER B 317 6.36 16.19 25.43
CA SER B 317 6.41 16.16 25.47
C SER B 317 5.80 15.98 26.85
C SER B 317 5.80 16.02 26.86
N PRO B 318 4.49 15.78 27.05
CA PRO B 318 4.00 15.60 28.43
C PRO B 318 4.50 14.33 29.10
N VAL B 319 4.71 13.25 28.36
CA VAL B 319 5.03 11.97 28.96
C VAL B 319 6.53 11.74 29.04
N TYR B 320 7.27 12.13 27.99
CA TYR B 320 8.69 11.85 27.89
C TYR B 320 9.48 12.40 29.09
N ARG B 321 9.02 13.51 29.66
CA ARG B 321 9.75 14.18 30.74
C ARG B 321 9.47 13.61 32.14
N LEU B 322 8.69 12.54 32.27
CA LEU B 322 8.28 12.03 33.58
C LEU B 322 9.32 11.06 34.16
N ASP B 323 10.50 11.63 34.43
CA ASP B 323 11.64 10.84 34.90
C ASP B 323 11.31 10.01 36.15
N HIS B 324 10.55 10.58 37.09
CA HIS B 324 10.25 9.83 38.31
C HIS B 324 9.40 8.60 38.02
N THR B 325 8.56 8.67 36.99
CA THR B 325 7.71 7.54 36.61
C THR B 325 8.53 6.44 35.95
N PHE B 326 9.33 6.80 34.94
CA PHE B 326 10.11 5.78 34.26
C PHE B 326 11.20 5.19 35.15
N GLU B 327 11.64 5.92 36.17
CA GLU B 327 12.59 5.35 37.12
C GLU B 327 12.08 4.07 37.76
N GLN B 328 10.77 3.92 37.92
CA GLN B 328 10.20 2.74 38.57
C GLN B 328 9.71 1.68 37.59
N ILE B 329 9.85 1.90 36.29
CA ILE B 329 9.42 0.89 35.31
C ILE B 329 10.47 -0.22 35.27
N PRO B 330 10.06 -1.50 35.38
CA PRO B 330 11.05 -2.59 35.38
C PRO B 330 11.89 -2.61 34.12
N SER B 331 13.14 -3.08 34.28
N SER B 331 13.15 -3.06 34.29
CA SER B 331 14.09 -3.10 33.18
CA SER B 331 14.09 -3.09 33.17
C SER B 331 13.56 -3.87 31.98
C SER B 331 13.53 -3.85 31.97
N ARG B 332 12.87 -4.99 32.21
CA ARG B 332 12.37 -5.78 31.09
C ARG B 332 11.33 -5.02 30.30
N GLN B 333 10.58 -4.10 30.93
CA GLN B 333 9.62 -3.29 30.19
C GLN B 333 10.28 -2.13 29.46
N LYS B 334 11.30 -1.53 30.08
CA LYS B 334 12.09 -0.53 29.34
C LYS B 334 12.68 -1.14 28.09
N LYS B 335 13.14 -2.39 28.18
CA LYS B 335 13.71 -3.04 27.01
C LYS B 335 12.67 -3.21 25.90
N ILE B 336 11.43 -3.55 26.28
CA ILE B 336 10.36 -3.69 25.28
C ILE B 336 10.09 -2.35 24.60
N LEU B 337 9.98 -1.29 25.40
CA LEU B 337 9.68 0.02 24.83
C LEU B 337 10.83 0.52 23.97
N GLU B 338 12.07 0.33 24.44
CA GLU B 338 13.23 0.78 23.68
C GLU B 338 13.34 0.04 22.35
N GLU B 339 13.11 -1.27 22.35
CA GLU B 339 13.17 -2.00 21.08
C GLU B 339 12.10 -1.53 20.11
N ALA B 340 10.89 -1.25 20.61
CA ALA B 340 9.84 -0.73 19.74
C ALA B 340 10.21 0.65 19.20
N HIS B 341 10.78 1.51 20.04
CA HIS B 341 11.22 2.81 19.55
C HIS B 341 12.33 2.69 18.52
N GLU B 342 13.21 1.69 18.66
CA GLU B 342 14.28 1.52 17.67
C GLU B 342 13.74 1.22 16.28
N LEU B 343 12.52 0.69 16.17
CA LEU B 343 11.93 0.49 14.85
C LEU B 343 11.85 1.78 14.04
N SER B 344 11.61 2.91 14.72
CA SER B 344 11.41 4.17 14.01
C SER B 344 12.70 4.91 13.72
N GLU B 345 13.79 4.53 14.37
CA GLU B 345 15.05 5.25 14.22
C GLU B 345 15.59 5.10 12.80
N ASP B 346 16.45 6.06 12.42
CA ASP B 346 17.11 6.05 11.12
CA ASP B 346 17.10 6.07 11.13
C ASP B 346 16.09 5.89 9.99
N HIS B 347 15.07 6.75 10.00
CA HIS B 347 14.06 6.76 8.94
C HIS B 347 13.39 5.40 8.79
N TYR B 348 13.04 4.80 9.93
CA TYR B 348 12.25 3.57 10.02
C TYR B 348 12.97 2.37 9.45
N LYS B 349 14.32 2.37 9.50
CA LYS B 349 15.08 1.29 8.88
C LYS B 349 14.67 -0.08 9.45
N LYS B 350 14.62 -0.22 10.78
CA LYS B 350 14.32 -1.53 11.36
C LYS B 350 12.84 -1.88 11.21
N TYR B 351 11.96 -0.88 11.24
CA TYR B 351 10.55 -1.13 10.97
C TYR B 351 10.34 -1.72 9.57
N LEU B 352 10.98 -1.13 8.57
CA LEU B 352 10.79 -1.60 7.20
C LEU B 352 11.27 -3.05 7.05
N ALA B 353 12.40 -3.36 7.67
CA ALA B 353 12.91 -4.73 7.64
C ALA B 353 11.99 -5.68 8.39
N LYS B 354 11.45 -5.25 9.53
CA LYS B 354 10.58 -6.14 10.29
C LYS B 354 9.27 -6.39 9.56
N LEU B 355 8.67 -5.34 9.00
CA LEU B 355 7.42 -5.50 8.24
C LEU B 355 7.58 -6.54 7.13
N ARG B 356 8.72 -6.50 6.43
CA ARG B 356 8.98 -7.39 5.31
C ARG B 356 9.40 -8.79 5.73
N SER B 357 9.59 -9.03 7.03
CA SER B 357 9.96 -10.36 7.49
C SER B 357 8.86 -11.11 8.23
N ILE B 358 7.83 -10.42 8.74
CA ILE B 358 6.85 -11.12 9.58
C ILE B 358 5.89 -11.96 8.73
N ASN B 359 5.09 -12.79 9.41
CA ASN B 359 4.05 -13.57 8.77
C ASN B 359 2.74 -12.83 8.97
N PRO B 360 2.09 -12.31 7.92
CA PRO B 360 0.81 -11.63 8.10
C PRO B 360 -0.22 -12.57 8.69
N PRO B 361 -1.33 -12.04 9.24
CA PRO B 361 -1.79 -10.65 9.17
C PRO B 361 -0.96 -9.65 9.98
N CYS B 362 -0.97 -8.41 9.52
CA CYS B 362 -0.32 -7.30 10.21
C CYS B 362 -1.12 -6.04 9.96
N VAL B 363 -0.84 -5.00 10.73
CA VAL B 363 -1.35 -3.66 10.48
C VAL B 363 -0.16 -2.73 10.29
N PRO B 364 0.17 -2.38 9.05
CA PRO B 364 1.29 -1.46 8.82
C PRO B 364 1.01 -0.07 9.37
N PHE B 365 2.09 0.66 9.61
CA PHE B 365 2.01 2.09 9.82
C PHE B 365 1.84 2.79 8.47
N PHE B 366 0.75 3.55 8.29
CA PHE B 366 0.47 4.14 6.98
C PHE B 366 1.35 5.34 6.66
N GLY B 367 1.89 6.03 7.67
CA GLY B 367 2.53 7.31 7.42
C GLY B 367 3.68 7.25 6.42
N ILE B 368 4.49 6.19 6.46
CA ILE B 368 5.62 6.08 5.54
C ILE B 368 5.14 5.98 4.10
N TYR B 369 4.07 5.23 3.87
CA TYR B 369 3.50 5.15 2.53
C TYR B 369 3.07 6.51 2.01
N LEU B 370 2.45 7.31 2.89
CA LEU B 370 1.97 8.62 2.48
C LEU B 370 3.11 9.53 2.07
N THR B 371 4.15 9.59 2.90
CA THR B 371 5.32 10.39 2.55
C THR B 371 5.95 9.93 1.24
N ASN B 372 6.05 8.61 1.03
CA ASN B 372 6.68 8.13 -0.20
C ASN B 372 5.83 8.38 -1.45
N ILE B 373 4.50 8.25 -1.35
CA ILE B 373 3.65 8.58 -2.49
C ILE B 373 3.76 10.08 -2.80
N LEU B 374 3.65 10.91 -1.77
N LEU B 374 3.66 10.91 -1.77
CA LEU B 374 3.71 12.36 -1.99
CA LEU B 374 3.71 12.36 -1.99
C LEU B 374 5.03 12.78 -2.63
C LEU B 374 5.03 12.77 -2.65
N LYS B 375 6.15 12.26 -2.14
CA LYS B 375 7.45 12.67 -2.66
C LYS B 375 7.71 12.11 -4.05
N THR B 376 7.19 10.91 -4.33
CA THR B 376 7.27 10.39 -5.70
C THR B 376 6.49 11.28 -6.67
N GLU B 377 5.30 11.72 -6.27
N GLU B 377 5.32 11.76 -6.26
CA GLU B 377 4.51 12.62 -7.11
CA GLU B 377 4.54 12.59 -7.15
C GLU B 377 5.22 13.95 -7.30
C GLU B 377 5.10 14.01 -7.27
N GLU B 378 5.71 14.52 -6.20
CA GLU B 378 6.27 15.87 -6.24
C GLU B 378 7.63 15.89 -6.92
N GLY B 379 8.38 14.79 -6.87
CA GLY B 379 9.77 14.79 -7.30
C GLY B 379 10.03 14.27 -8.69
N ASN B 380 8.98 13.96 -9.44
CA ASN B 380 9.13 13.44 -10.80
C ASN B 380 8.20 14.18 -11.73
N PRO B 381 8.62 14.46 -12.96
CA PRO B 381 7.77 15.21 -13.88
C PRO B 381 6.67 14.35 -14.48
N GLU B 382 5.54 15.02 -14.81
CA GLU B 382 4.42 14.33 -15.45
C GLU B 382 4.78 13.84 -16.85
N VAL B 383 5.59 14.61 -17.58
CA VAL B 383 5.91 14.24 -18.94
C VAL B 383 7.43 14.27 -19.14
N LEU B 384 7.88 13.53 -20.15
CA LEU B 384 9.25 13.63 -20.64
C LEU B 384 9.20 14.20 -22.05
N LYS B 385 10.07 15.15 -22.34
CA LYS B 385 10.13 15.79 -23.65
C LYS B 385 11.22 15.12 -24.49
N ARG B 386 10.84 14.58 -25.64
CA ARG B 386 11.76 13.84 -26.49
C ARG B 386 11.40 14.14 -27.93
N HIS B 387 12.37 14.65 -28.69
CA HIS B 387 12.21 14.89 -30.13
C HIS B 387 11.00 15.77 -30.42
N GLY B 388 10.80 16.82 -29.61
CA GLY B 388 9.69 17.72 -29.78
C GLY B 388 8.35 17.22 -29.25
N LYS B 389 8.27 15.96 -28.81
CA LYS B 389 7.03 15.37 -28.33
C LYS B 389 7.03 15.30 -26.81
N GLU B 390 5.85 15.40 -26.22
CA GLU B 390 5.68 15.20 -24.80
C GLU B 390 5.13 13.80 -24.57
N LEU B 391 5.91 12.97 -23.88
CA LEU B 391 5.51 11.61 -23.57
C LEU B 391 5.10 11.52 -22.12
N ILE B 392 4.06 10.74 -21.85
CA ILE B 392 3.68 10.50 -20.45
C ILE B 392 4.80 9.78 -19.73
N ASN B 393 5.22 10.32 -18.60
CA ASN B 393 6.24 9.67 -17.77
C ASN B 393 5.58 8.54 -17.01
N PHE B 394 5.60 7.33 -17.58
CA PHE B 394 4.90 6.23 -16.94
C PHE B 394 5.71 5.63 -15.79
N SER B 395 7.04 5.74 -15.81
N SER B 395 7.04 5.75 -15.83
CA SER B 395 7.85 5.23 -14.71
CA SER B 395 7.87 5.25 -14.73
C SER B 395 7.43 5.87 -13.39
C SER B 395 7.44 5.88 -13.40
N LYS B 396 7.07 7.15 -13.41
CA LYS B 396 6.59 7.81 -12.20
C LYS B 396 5.32 7.15 -11.67
N ARG B 397 4.40 6.79 -12.58
CA ARG B 397 3.16 6.16 -12.16
C ARG B 397 3.40 4.74 -11.66
N ARG B 398 4.34 4.02 -12.28
CA ARG B 398 4.68 2.69 -11.79
C ARG B 398 5.21 2.75 -10.36
N LYS B 399 6.05 3.75 -10.06
CA LYS B 399 6.55 3.90 -8.70
C LYS B 399 5.43 4.13 -7.69
N VAL B 400 4.46 4.99 -8.04
CA VAL B 400 3.31 5.20 -7.15
C VAL B 400 2.54 3.90 -6.97
N ALA B 401 2.32 3.16 -8.05
CA ALA B 401 1.54 1.93 -7.98
C ALA B 401 2.31 0.82 -7.28
N GLU B 402 3.63 0.89 -7.24
CA GLU B 402 4.36 -0.08 -6.41
CA GLU B 402 4.37 -0.07 -6.42
C GLU B 402 4.01 0.12 -4.95
N ILE B 403 3.85 1.38 -4.53
CA ILE B 403 3.48 1.66 -3.14
C ILE B 403 2.03 1.28 -2.88
N THR B 404 1.10 1.66 -3.78
CA THR B 404 -0.29 1.27 -3.52
C THR B 404 -0.44 -0.26 -3.54
N GLY B 405 0.35 -0.95 -4.36
CA GLY B 405 0.29 -2.40 -4.37
C GLY B 405 0.81 -3.02 -3.09
N GLU B 406 1.86 -2.42 -2.50
N GLU B 406 1.87 -2.43 -2.51
CA GLU B 406 2.37 -2.88 -1.22
CA GLU B 406 2.33 -2.94 -1.22
C GLU B 406 1.34 -2.71 -0.11
C GLU B 406 1.27 -2.76 -0.15
N ILE B 407 0.61 -1.59 -0.14
CA ILE B 407 -0.50 -1.38 0.79
C ILE B 407 -1.55 -2.47 0.60
N GLN B 408 -1.94 -2.71 -0.66
CA GLN B 408 -2.99 -3.68 -0.91
C GLN B 408 -2.58 -5.08 -0.48
N GLN B 409 -1.31 -5.44 -0.66
CA GLN B 409 -0.90 -6.80 -0.32
C GLN B 409 -1.14 -7.08 1.16
N TYR B 410 -0.92 -6.09 2.03
CA TYR B 410 -1.18 -6.29 3.45
C TYR B 410 -2.63 -6.11 3.84
N GLN B 411 -3.50 -5.68 2.91
CA GLN B 411 -4.93 -5.57 3.19
C GLN B 411 -5.68 -6.89 2.99
N ASN B 412 -5.02 -7.94 2.51
CA ASN B 412 -5.76 -9.14 2.14
C ASN B 412 -6.04 -10.05 3.32
N GLN B 413 -5.09 -10.16 4.25
CA GLN B 413 -5.13 -11.21 5.27
C GLN B 413 -5.93 -10.77 6.49
N PRO B 414 -6.97 -11.48 6.89
CA PRO B 414 -7.77 -11.09 8.06
C PRO B 414 -7.22 -11.70 9.35
N TYR B 415 -7.51 -11.02 10.47
CA TYR B 415 -7.11 -11.52 11.79
C TYR B 415 -8.06 -12.58 12.30
N CYS B 416 -7.50 -13.65 12.90
CA CYS B 416 -8.31 -14.68 13.53
C CYS B 416 -8.51 -14.33 15.00
N LEU B 417 -9.32 -13.30 15.23
CA LEU B 417 -9.67 -12.80 16.56
C LEU B 417 -11.15 -12.51 16.59
N ARG B 418 -11.80 -12.82 17.72
CA ARG B 418 -13.22 -12.58 17.87
C ARG B 418 -13.50 -11.14 18.30
N VAL B 419 -14.48 -10.51 17.66
CA VAL B 419 -14.91 -9.17 18.05
C VAL B 419 -15.68 -9.25 19.37
N GLU B 420 -15.42 -8.31 20.27
CA GLU B 420 -16.26 -8.10 21.46
C GLU B 420 -16.94 -6.76 21.22
N SER B 421 -18.26 -6.78 21.02
N SER B 421 -18.26 -6.78 21.00
CA SER B 421 -18.97 -5.61 20.50
CA SER B 421 -18.94 -5.59 20.47
C SER B 421 -18.92 -4.43 21.47
C SER B 421 -18.92 -4.42 21.46
N ASP B 422 -18.98 -4.70 22.77
CA ASP B 422 -18.94 -3.62 23.75
C ASP B 422 -17.54 -3.01 23.85
N ILE B 423 -16.49 -3.82 23.85
CA ILE B 423 -15.15 -3.27 23.89
C ILE B 423 -14.86 -2.50 22.60
N LYS B 424 -15.31 -3.03 21.46
N LYS B 424 -15.30 -3.03 21.46
CA LYS B 424 -15.16 -2.32 20.19
CA LYS B 424 -15.17 -2.33 20.19
C LYS B 424 -15.82 -0.95 20.25
C LYS B 424 -15.82 -0.96 20.26
N ARG B 425 -17.05 -0.90 20.78
CA ARG B 425 -17.77 0.37 20.86
C ARG B 425 -17.06 1.35 21.80
N PHE B 426 -16.55 0.85 22.92
CA PHE B 426 -15.80 1.70 23.85
C PHE B 426 -14.63 2.39 23.14
N PHE B 427 -13.86 1.66 22.34
CA PHE B 427 -12.73 2.28 21.67
C PHE B 427 -13.17 3.10 20.46
N GLU B 428 -14.28 2.75 19.82
CA GLU B 428 -14.78 3.60 18.73
C GLU B 428 -15.25 4.96 19.22
N ASN B 429 -15.75 5.02 20.46
CA ASN B 429 -16.31 6.24 21.01
C ASN B 429 -15.33 7.03 21.87
N LEU B 430 -14.09 6.57 21.98
CA LEU B 430 -13.07 7.28 22.74
C LEU B 430 -12.89 8.68 22.19
N ASN B 431 -12.86 9.68 23.07
CA ASN B 431 -12.78 11.08 22.65
C ASN B 431 -12.02 11.89 23.71
N PRO B 432 -10.70 11.65 23.83
CA PRO B 432 -9.96 12.29 24.95
C PRO B 432 -9.99 13.81 24.92
N MET B 433 -10.06 14.42 23.73
CA MET B 433 -10.08 15.88 23.62
CA MET B 433 -10.07 15.88 23.65
C MET B 433 -11.42 16.50 24.02
N GLY B 434 -12.49 15.72 24.07
CA GLY B 434 -13.79 16.33 24.38
C GLY B 434 -14.14 17.40 23.37
N ASN B 435 -14.65 18.54 23.85
CA ASN B 435 -14.96 19.66 22.96
C ASN B 435 -13.80 20.62 22.79
N SER B 436 -12.63 20.32 23.37
CA SER B 436 -11.50 21.24 23.32
C SER B 436 -10.83 21.22 21.95
N MET B 437 -10.27 22.37 21.57
CA MET B 437 -9.42 22.43 20.40
C MET B 437 -8.04 21.85 20.69
N GLU B 438 -7.29 21.56 19.63
CA GLU B 438 -6.04 20.80 19.76
C GLU B 438 -5.03 21.51 20.65
N LYS B 439 -4.82 22.81 20.43
CA LYS B 439 -3.78 23.51 21.20
C LYS B 439 -4.17 23.58 22.68
N GLU B 440 -5.42 23.95 22.95
CA GLU B 440 -5.94 23.97 24.32
C GLU B 440 -5.73 22.62 25.01
N PHE B 441 -6.04 21.53 24.31
CA PHE B 441 -5.91 20.21 24.92
C PHE B 441 -4.45 19.80 25.11
N THR B 442 -3.58 20.04 24.12
CA THR B 442 -2.21 19.59 24.32
C THR B 442 -1.48 20.48 25.34
N ASP B 443 -1.85 21.76 25.43
CA ASP B 443 -1.33 22.58 26.52
C ASP B 443 -1.83 22.09 27.87
N TYR B 444 -3.08 21.62 27.93
CA TYR B 444 -3.59 21.06 29.17
C TYR B 444 -2.77 19.85 29.60
N LEU B 445 -2.47 18.95 28.66
CA LEU B 445 -1.69 17.76 28.99
C LEU B 445 -0.30 18.14 29.49
N PHE B 446 0.32 19.14 28.85
CA PHE B 446 1.65 19.53 29.29
C PHE B 446 1.62 20.19 30.66
N ASN B 447 0.60 21.02 30.91
CA ASN B 447 0.49 21.63 32.23
C ASN B 447 0.22 20.58 33.31
N LYS B 448 -0.54 19.53 33.00
N LYS B 448 -0.51 19.52 32.97
CA LYS B 448 -0.71 18.44 33.97
CA LYS B 448 -0.72 18.43 33.91
C LYS B 448 0.63 17.77 34.25
C LYS B 448 0.58 17.70 34.21
N SER B 449 1.44 17.53 33.20
CA SER B 449 2.76 16.95 33.40
C SER B 449 3.60 17.79 34.34
N LEU B 450 3.60 19.11 34.14
CA LEU B 450 4.34 20.00 35.03
C LEU B 450 3.78 19.97 36.45
N GLU B 451 2.47 19.77 36.59
CA GLU B 451 1.88 19.70 37.93
C GLU B 451 2.35 18.45 38.68
N ILE B 452 2.30 17.29 38.03
CA ILE B 452 2.56 16.03 38.71
C ILE B 452 4.06 15.77 38.90
N GLU B 453 4.92 16.31 38.02
CA GLU B 453 6.37 16.20 38.18
C GLU B 453 6.97 17.55 37.80
N PRO B 454 7.03 18.48 38.76
CA PRO B 454 7.52 19.83 38.45
C PRO B 454 8.97 19.85 37.97
N ARG B 455 9.29 20.89 37.19
N ARG B 455 9.29 20.89 37.19
CA ARG B 455 10.66 21.10 36.75
CA ARG B 455 10.66 21.11 36.73
C ARG B 455 11.59 21.32 37.93
C ARG B 455 11.58 21.33 37.92
N ASN B 456 12.76 20.70 37.89
CA ASN B 456 13.77 20.96 38.90
C ASN B 456 14.11 22.46 38.88
N PRO B 457 14.38 23.07 40.05
CA PRO B 457 14.50 22.44 41.37
C PRO B 457 13.22 22.44 42.22
N LYS B 458 12.05 22.59 41.61
CA LYS B 458 10.82 22.54 42.38
C LYS B 458 10.66 21.14 42.99
N PRO B 459 10.22 21.04 44.24
CA PRO B 459 10.10 19.73 44.86
C PRO B 459 8.98 18.91 44.24
N LEU B 460 9.13 17.59 44.35
CA LEU B 460 8.12 16.67 43.85
C LEU B 460 7.00 16.57 44.88
N PRO B 461 5.77 16.94 44.53
CA PRO B 461 4.65 16.80 45.47
C PRO B 461 4.14 15.36 45.53
N ARG B 462 3.28 15.11 46.51
CA ARG B 462 2.54 13.86 46.65
C ARG B 462 1.08 14.11 46.27
N PHE B 463 0.42 13.08 45.74
CA PHE B 463 -0.97 13.19 45.34
C PHE B 463 -1.73 11.97 45.82
N PRO B 464 -3.03 12.12 46.12
CA PRO B 464 -3.81 10.96 46.58
C PRO B 464 -4.14 10.00 45.45
N LYS B 465 -4.41 8.75 45.83
CA LYS B 465 -4.81 7.72 44.86
C LYS B 465 -6.18 8.06 44.28
N LYS B 466 -6.41 7.63 43.04
CA LYS B 466 -7.69 7.81 42.37
C LYS B 466 -8.40 6.50 42.00
N TYR B 467 -7.71 5.37 42.04
CA TYR B 467 -8.30 4.08 41.64
C TYR B 467 -8.64 3.28 42.88
N SER B 468 -9.87 2.76 42.94
CA SER B 468 -10.32 1.99 44.09
C SER B 468 -10.17 0.49 43.90
N TYR B 469 -9.71 0.04 42.74
CA TYR B 469 -9.57 -1.37 42.41
C TYR B 469 -8.08 -1.75 42.35
N PRO B 470 -7.77 -3.06 42.32
CA PRO B 470 -6.36 -3.47 42.33
C PRO B 470 -5.63 -2.98 41.08
N LEU B 471 -4.39 -2.54 41.29
CA LEU B 471 -3.53 -2.09 40.19
C LEU B 471 -2.72 -3.22 39.57
N LYS B 472 -2.66 -4.38 40.21
CA LYS B 472 -1.83 -5.46 39.68
C LYS B 472 -2.33 -5.93 38.34
N SER B 473 -1.43 -6.00 37.37
CA SER B 473 -1.82 -6.47 36.05
C SER B 473 -2.06 -7.99 36.05
N PRO B 474 -3.02 -8.48 35.26
CA PRO B 474 -3.13 -9.92 35.07
C PRO B 474 -2.10 -10.48 34.11
N GLY B 475 -1.27 -9.62 33.50
CA GLY B 475 -0.25 -10.06 32.56
C GLY B 475 -0.78 -10.23 31.15
N VAL B 476 0.13 -10.56 30.25
CA VAL B 476 -0.26 -10.63 28.84
C VAL B 476 -0.01 -12.02 28.24
N ARG B 477 0.14 -13.03 29.08
CA ARG B 477 0.11 -14.39 28.52
C ARG B 477 -1.32 -14.92 28.58
N PRO B 478 -1.85 -15.45 27.47
CA PRO B 478 -3.27 -15.84 27.44
C PRO B 478 -3.54 -17.10 28.26
N SER B 479 -4.80 -17.21 28.68
CA SER B 479 -5.30 -18.34 29.44
C SER B 479 -6.21 -19.18 28.56
N ASN B 480 -6.42 -20.44 28.95
CA ASN B 480 -7.21 -21.35 28.14
C ASN B 480 -7.85 -22.41 29.02
N PRO B 481 -9.07 -22.15 29.49
CA PRO B 481 -9.86 -23.22 30.12
C PRO B 481 -10.39 -24.18 29.06
N ARG B 482 -10.93 -25.30 29.52
CA ARG B 482 -11.50 -26.26 28.58
C ARG B 482 -12.77 -25.66 27.95
N GLY C 1 34.37 10.95 12.33
CA GLY C 1 34.93 11.68 11.22
C GLY C 1 34.29 13.04 11.01
N MET C 2 33.58 13.20 9.91
CA MET C 2 32.93 14.47 9.63
C MET C 2 31.64 14.59 10.44
N THR C 3 31.27 15.84 10.72
CA THR C 3 30.07 16.11 11.51
C THR C 3 28.82 15.79 10.69
N GLU C 4 27.85 15.18 11.36
CA GLU C 4 26.53 14.97 10.79
C GLU C 4 25.52 15.87 11.51
N TYR C 5 24.71 16.58 10.74
CA TYR C 5 23.68 17.45 11.28
C TYR C 5 22.31 16.83 11.00
N LYS C 6 21.52 16.65 12.04
CA LYS C 6 20.15 16.15 11.89
C LYS C 6 19.21 17.34 11.77
N LEU C 7 18.68 17.55 10.57
CA LEU C 7 17.79 18.68 10.29
C LEU C 7 16.37 18.17 10.12
N VAL C 8 15.39 18.95 10.58
CA VAL C 8 13.99 18.57 10.52
C VAL C 8 13.20 19.68 9.83
N VAL C 9 12.40 19.30 8.82
CA VAL C 9 11.54 20.22 8.09
C VAL C 9 10.15 20.15 8.70
N VAL C 10 9.58 21.31 9.05
CA VAL C 10 8.22 21.35 9.61
C VAL C 10 7.42 22.41 8.88
N GLY C 11 6.11 22.23 8.85
CA GLY C 11 5.23 23.23 8.25
C GLY C 11 3.97 22.61 7.71
N ALA C 12 3.03 23.48 7.36
CA ALA C 12 1.72 23.05 6.86
C ALA C 12 1.84 22.14 5.64
N GLY C 13 0.89 21.20 5.55
CA GLY C 13 0.85 20.32 4.40
C GLY C 13 0.09 20.93 3.22
N GLY C 14 0.17 20.22 2.10
CA GLY C 14 -0.62 20.54 0.92
C GLY C 14 -0.17 21.77 0.15
N VAL C 15 0.95 22.37 0.50
CA VAL C 15 1.38 23.60 -0.17
C VAL C 15 2.84 23.51 -0.62
N GLY C 16 3.28 22.32 -1.02
CA GLY C 16 4.58 22.17 -1.69
C GLY C 16 5.80 22.13 -0.80
N LYS C 17 5.64 21.96 0.51
CA LYS C 17 6.76 21.90 1.44
C LYS C 17 7.84 20.90 1.01
N SER C 18 7.43 19.74 0.48
CA SER C 18 8.40 18.67 0.17
C SER C 18 9.39 19.06 -0.93
N ALA C 19 9.09 20.10 -1.72
CA ALA C 19 9.98 20.46 -2.81
C ALA C 19 11.33 20.96 -2.32
N LEU C 20 11.37 21.51 -1.10
N LEU C 20 11.38 21.48 -1.09
CA LEU C 20 12.62 22.01 -0.54
CA LEU C 20 12.62 22.01 -0.56
C LEU C 20 13.68 20.91 -0.48
C LEU C 20 13.69 20.93 -0.44
N THR C 21 13.37 19.83 0.23
CA THR C 21 14.36 18.78 0.44
C THR C 21 14.61 17.98 -0.84
N ILE C 22 13.55 17.75 -1.63
CA ILE C 22 13.72 17.06 -2.91
C ILE C 22 14.71 17.81 -3.78
N GLN C 23 14.57 19.14 -3.87
CA GLN C 23 15.45 19.89 -4.75
C GLN C 23 16.88 19.91 -4.24
N LEU C 24 17.05 19.93 -2.91
CA LEU C 24 18.40 19.88 -2.34
C LEU C 24 19.07 18.56 -2.65
N ILE C 25 18.44 17.46 -2.24
CA ILE C 25 19.02 16.13 -2.31
C ILE C 25 19.07 15.63 -3.74
N GLN C 26 18.18 16.14 -4.59
CA GLN C 26 18.04 15.66 -5.96
C GLN C 26 19.38 15.66 -6.66
N ASN C 27 19.51 14.73 -7.61
CA ASN C 27 20.32 15.03 -8.78
C ASN C 27 19.90 16.43 -9.18
N HIS C 28 20.71 17.44 -8.85
CA HIS C 28 20.33 18.82 -9.11
C HIS C 28 19.87 19.00 -10.55
N PHE C 29 20.51 18.30 -11.49
CA PHE C 29 20.31 18.54 -12.91
C PHE C 29 19.53 17.45 -13.62
N VAL C 30 18.97 16.48 -12.90
CA VAL C 30 17.98 15.58 -13.46
C VAL C 30 16.78 15.57 -12.53
N ASP C 31 15.65 16.06 -13.03
CA ASP C 31 14.43 16.14 -12.24
C ASP C 31 13.86 14.72 -12.12
N GLU C 32 14.21 14.05 -11.02
CA GLU C 32 13.90 12.64 -10.78
C GLU C 32 14.07 12.38 -9.29
N TYR C 33 13.37 11.36 -8.77
CA TYR C 33 13.42 11.09 -7.34
C TYR C 33 12.80 9.73 -7.03
N ASP C 34 13.47 8.97 -6.16
CA ASP C 34 12.86 7.80 -5.54
C ASP C 34 13.05 7.93 -4.04
N PRO C 35 12.02 8.34 -3.30
CA PRO C 35 12.17 8.55 -1.86
C PRO C 35 12.35 7.26 -1.08
N THR C 36 12.00 6.11 -1.67
CA THR C 36 12.15 4.86 -0.96
C THR C 36 13.60 4.42 -0.87
N ILE C 37 14.49 5.10 -1.59
CA ILE C 37 15.87 4.65 -1.72
C ILE C 37 16.64 5.03 -0.48
N GLU C 38 17.20 4.02 0.20
CA GLU C 38 18.12 4.19 1.32
C GLU C 38 18.99 5.42 1.14
N ASP C 39 18.80 6.39 2.04
CA ASP C 39 19.59 7.63 2.07
C ASP C 39 19.27 8.56 0.90
N SER C 40 17.99 8.61 0.51
N SER C 40 17.99 8.62 0.49
CA SER C 40 17.49 9.70 -0.34
CA SER C 40 17.53 9.70 -0.35
C SER C 40 17.29 10.99 0.44
C SER C 40 17.27 10.97 0.45
N TYR C 41 17.83 11.03 1.66
CA TYR C 41 17.65 12.15 2.58
C TYR C 41 18.96 12.43 3.32
N ARG C 42 20.08 11.92 2.81
CA ARG C 42 21.40 12.21 3.33
C ARG C 42 22.25 12.78 2.20
N LYS C 43 23.02 13.82 2.53
CA LYS C 43 23.81 14.52 1.52
C LYS C 43 25.07 15.06 2.16
N GLN C 44 26.22 14.76 1.55
CA GLN C 44 27.49 15.34 1.95
C GLN C 44 27.69 16.67 1.24
N VAL C 45 27.96 17.72 2.00
CA VAL C 45 28.08 19.08 1.49
C VAL C 45 29.30 19.75 2.12
N VAL C 46 29.77 20.81 1.48
CA VAL C 46 30.86 21.64 2.00
C VAL C 46 30.29 23.02 2.26
N ILE C 47 30.31 23.44 3.53
CA ILE C 47 29.75 24.72 3.96
C ILE C 47 30.86 25.52 4.62
N ASP C 48 31.19 26.66 4.02
CA ASP C 48 32.28 27.52 4.50
C ASP C 48 33.58 26.72 4.61
N GLY C 49 33.83 25.90 3.60
CA GLY C 49 35.04 25.11 3.53
C GLY C 49 35.09 23.89 4.43
N GLU C 50 34.04 23.61 5.20
CA GLU C 50 34.03 22.48 6.11
C GLU C 50 33.02 21.44 5.63
N THR C 51 33.50 20.23 5.35
CA THR C 51 32.65 19.15 4.86
C THR C 51 31.84 18.56 6.00
N CYS C 52 30.56 18.32 5.73
CA CYS C 52 29.68 17.70 6.71
C CYS C 52 28.62 16.88 5.99
N LEU C 53 27.87 16.13 6.78
CA LEU C 53 26.81 15.27 6.28
C LEU C 53 25.48 15.78 6.82
N LEU C 54 24.54 16.04 5.91
CA LEU C 54 23.19 16.46 6.32
C LEU C 54 22.26 15.25 6.30
N ASP C 55 21.56 15.05 7.41
CA ASP C 55 20.50 14.04 7.48
C ASP C 55 19.19 14.80 7.67
N ILE C 56 18.32 14.76 6.66
CA ILE C 56 17.13 15.60 6.65
C ILE C 56 15.91 14.74 6.87
N LEU C 57 15.13 15.08 7.88
CA LEU C 57 13.84 14.45 8.14
C LEU C 57 12.74 15.36 7.62
N ASP C 58 11.98 14.87 6.64
CA ASP C 58 10.82 15.60 6.10
C ASP C 58 9.69 14.59 6.03
N THR C 59 8.77 14.67 7.00
CA THR C 59 7.63 13.77 7.06
C THR C 59 6.43 14.28 6.26
N ALA C 60 6.68 15.12 5.25
CA ALA C 60 5.63 15.65 4.39
C ALA C 60 4.63 14.56 4.02
N GLY C 61 3.34 14.87 4.14
CA GLY C 61 2.27 13.92 3.94
C GLY C 61 1.71 13.32 5.23
N GLN C 62 2.45 13.39 6.33
CA GLN C 62 2.00 12.83 7.60
C GLN C 62 1.43 13.88 8.53
N GLU C 63 1.04 15.04 7.99
CA GLU C 63 0.62 16.15 8.86
C GLU C 63 -0.57 15.79 9.74
N GLU C 64 -1.45 14.89 9.29
CA GLU C 64 -2.61 14.55 10.11
C GLU C 64 -2.25 13.69 11.32
N TYR C 65 -1.07 13.06 11.33
CA TYR C 65 -0.57 12.34 12.51
C TYR C 65 0.02 13.35 13.50
N SER C 66 -0.85 14.20 14.03
CA SER C 66 -0.37 15.33 14.83
C SER C 66 0.26 14.91 16.15
N ALA C 67 -0.12 13.74 16.69
CA ALA C 67 0.45 13.34 17.97
C ALA C 67 1.83 12.70 17.82
N MET C 68 2.32 12.55 16.58
CA MET C 68 3.68 12.09 16.33
C MET C 68 4.67 13.23 16.18
N ARG C 69 4.19 14.48 16.12
CA ARG C 69 5.10 15.59 15.86
C ARG C 69 6.18 15.71 16.92
N ASP C 70 5.83 15.58 18.21
CA ASP C 70 6.83 15.71 19.25
C ASP C 70 7.98 14.73 19.03
N GLN C 71 7.66 13.46 18.80
CA GLN C 71 8.71 12.46 18.64
C GLN C 71 9.60 12.78 17.43
N TYR C 72 8.98 13.05 16.28
CA TYR C 72 9.76 13.43 15.09
C TYR C 72 10.65 14.65 15.38
N MET C 73 10.09 15.67 16.02
CA MET C 73 10.86 16.89 16.25
C MET C 73 12.05 16.66 17.17
N ARG C 74 11.91 15.78 18.17
CA ARG C 74 12.99 15.66 19.15
C ARG C 74 14.27 15.13 18.50
N THR C 75 14.15 14.46 17.35
CA THR C 75 15.34 13.93 16.68
C THR C 75 16.25 15.04 16.13
N GLY C 76 15.75 16.28 16.00
CA GLY C 76 16.45 17.30 15.24
C GLY C 76 17.35 18.20 16.08
N GLU C 77 18.44 18.64 15.46
CA GLU C 77 19.31 19.68 16.01
C GLU C 77 18.97 21.05 15.47
N GLY C 78 18.40 21.13 14.29
CA GLY C 78 18.02 22.40 13.69
C GLY C 78 16.78 22.19 12.84
N PHE C 79 16.00 23.26 12.67
CA PHE C 79 14.67 23.14 12.09
C PHE C 79 14.46 24.16 10.98
N LEU C 80 13.89 23.74 9.87
CA LEU C 80 13.39 24.64 8.85
C LEU C 80 11.88 24.73 9.02
N CYS C 81 11.38 25.92 9.37
CA CYS C 81 9.95 26.14 9.51
C CYS C 81 9.45 26.76 8.20
N VAL C 82 8.65 26.01 7.45
CA VAL C 82 8.32 26.34 6.06
C VAL C 82 6.85 26.75 5.98
N PHE C 83 6.58 27.87 5.30
CA PHE C 83 5.23 28.24 4.92
C PHE C 83 5.25 28.54 3.42
N ALA C 84 4.07 28.57 2.81
CA ALA C 84 3.92 28.92 1.40
C ALA C 84 3.54 30.39 1.27
N ILE C 85 4.20 31.11 0.35
CA ILE C 85 3.96 32.55 0.27
C ILE C 85 2.61 32.89 -0.33
N ASN C 86 1.88 31.91 -0.85
CA ASN C 86 0.51 32.14 -1.29
C ASN C 86 -0.52 31.50 -0.37
N ASN C 87 -0.15 31.17 0.86
CA ASN C 87 -1.11 30.57 1.80
C ASN C 87 -0.92 31.23 3.16
N THR C 88 -1.77 32.22 3.46
N THR C 88 -1.77 32.20 3.49
CA THR C 88 -1.60 32.97 4.70
CA THR C 88 -1.57 32.96 4.72
C THR C 88 -1.75 32.09 5.93
C THR C 88 -1.76 32.08 5.95
N LYS C 89 -2.67 31.11 5.88
CA LYS C 89 -2.84 30.21 7.02
C LYS C 89 -1.54 29.47 7.36
N SER C 90 -0.79 29.02 6.35
CA SER C 90 0.46 28.32 6.64
C SER C 90 1.47 29.25 7.29
N PHE C 91 1.41 30.54 6.97
CA PHE C 91 2.28 31.53 7.62
C PHE C 91 1.84 31.75 9.06
N GLU C 92 0.53 31.84 9.30
CA GLU C 92 0.01 32.02 10.66
C GLU C 92 0.30 30.81 11.54
N ASP C 93 0.46 29.61 10.95
CA ASP C 93 0.81 28.39 11.70
C ASP C 93 2.22 28.44 12.29
N ILE C 94 3.10 29.32 11.77
CA ILE C 94 4.52 29.25 12.12
C ILE C 94 4.73 29.42 13.61
N HIS C 95 4.01 30.38 14.23
CA HIS C 95 4.18 30.64 15.66
C HIS C 95 4.03 29.36 16.48
N GLN C 96 2.98 28.58 16.19
CA GLN C 96 2.77 27.38 17.01
C GLN C 96 3.81 26.30 16.72
N TYR C 97 4.28 26.18 15.48
CA TYR C 97 5.39 25.26 15.21
C TYR C 97 6.63 25.63 16.02
N ARG C 98 6.97 26.92 16.05
CA ARG C 98 8.14 27.34 16.81
C ARG C 98 7.97 27.07 18.29
N GLU C 99 6.79 27.36 18.83
CA GLU C 99 6.54 27.09 20.24
C GLU C 99 6.64 25.61 20.56
N GLN C 100 6.15 24.76 19.65
CA GLN C 100 6.23 23.32 19.88
C GLN C 100 7.66 22.82 19.83
N ILE C 101 8.46 23.33 18.89
CA ILE C 101 9.88 22.99 18.84
C ILE C 101 10.58 23.36 20.14
N LYS C 102 10.33 24.58 20.63
CA LYS C 102 10.95 25.01 21.89
C LYS C 102 10.57 24.09 23.05
N ARG C 103 9.31 23.67 23.10
CA ARG C 103 8.87 22.79 24.17
C ARG C 103 9.53 21.42 24.04
N VAL C 104 9.53 20.86 22.83
CA VAL C 104 10.08 19.52 22.62
C VAL C 104 11.58 19.50 22.93
N LYS C 105 12.30 20.52 22.49
CA LYS C 105 13.74 20.58 22.75
C LYS C 105 14.06 21.14 24.13
N ASP C 106 13.05 21.63 24.86
CA ASP C 106 13.24 22.20 26.20
C ASP C 106 14.30 23.30 26.19
N SER C 107 14.18 24.21 25.23
CA SER C 107 15.13 25.30 25.10
C SER C 107 14.43 26.48 24.46
N ASP C 108 14.79 27.68 24.90
CA ASP C 108 14.28 28.89 24.29
C ASP C 108 15.12 29.34 23.10
N ASP C 109 16.22 28.64 22.81
CA ASP C 109 17.15 29.04 21.75
C ASP C 109 17.52 27.79 20.94
N VAL C 110 16.63 27.39 20.05
CA VAL C 110 16.82 26.23 19.19
C VAL C 110 17.20 26.72 17.79
N PRO C 111 18.26 26.20 17.18
CA PRO C 111 18.63 26.63 15.82
C PRO C 111 17.49 26.40 14.84
N MET C 112 17.06 27.46 14.17
CA MET C 112 15.97 27.32 13.22
C MET C 112 16.00 28.49 12.24
N VAL C 113 15.38 28.25 11.09
CA VAL C 113 15.25 29.26 10.04
C VAL C 113 13.80 29.27 9.58
N LEU C 114 13.34 30.46 9.17
CA LEU C 114 12.02 30.64 8.59
C LEU C 114 12.17 30.60 7.07
N VAL C 115 11.37 29.76 6.40
CA VAL C 115 11.48 29.59 4.95
C VAL C 115 10.13 29.91 4.32
N GLY C 116 10.13 30.87 3.40
CA GLY C 116 8.95 31.19 2.62
C GLY C 116 9.12 30.58 1.24
N ASN C 117 8.22 29.65 0.89
CA ASN C 117 8.34 28.80 -0.28
C ASN C 117 7.33 29.22 -1.34
N LYS C 118 7.82 29.46 -2.57
N LYS C 118 7.81 29.49 -2.57
CA LYS C 118 6.98 29.79 -3.72
CA LYS C 118 6.93 29.80 -3.69
C LYS C 118 6.67 28.49 -4.46
C LYS C 118 6.67 28.50 -4.43
N CYS C 119 5.47 27.95 -4.26
CA CYS C 119 5.15 26.63 -4.77
C CYS C 119 4.40 26.64 -6.10
N ASP C 120 3.90 27.79 -6.54
CA ASP C 120 3.27 27.86 -7.85
C ASP C 120 3.22 29.33 -8.29
N LEU C 121 2.42 29.61 -9.32
CA LEU C 121 2.26 30.95 -9.85
C LEU C 121 1.03 31.66 -9.30
N ALA C 122 0.27 31.02 -8.40
CA ALA C 122 -0.84 31.71 -7.75
C ALA C 122 -0.32 32.91 -6.97
N ALA C 123 -1.22 33.88 -6.75
CA ALA C 123 -0.81 35.18 -6.26
C ALA C 123 -0.23 35.08 -4.85
N ARG C 124 0.91 35.72 -4.65
CA ARG C 124 1.50 35.80 -3.32
C ARG C 124 0.56 36.54 -2.37
N THR C 125 0.37 36.01 -1.15
CA THR C 125 -0.44 36.67 -0.13
C THR C 125 0.33 37.06 1.12
N VAL C 126 1.55 36.56 1.29
CA VAL C 126 2.44 36.96 2.37
C VAL C 126 3.59 37.73 1.75
N GLU C 127 3.69 39.03 2.04
CA GLU C 127 4.78 39.83 1.51
C GLU C 127 6.07 39.56 2.26
N SER C 128 7.19 39.76 1.55
N SER C 128 7.20 39.79 1.59
CA SER C 128 8.53 39.61 2.12
CA SER C 128 8.48 39.51 2.22
C SER C 128 8.63 40.33 3.46
C SER C 128 8.69 40.35 3.48
N ARG C 129 8.17 41.58 3.51
CA ARG C 129 8.32 42.40 4.73
C ARG C 129 7.62 41.77 5.92
N GLN C 130 6.42 41.19 5.71
CA GLN C 130 5.74 40.52 6.82
C GLN C 130 6.57 39.38 7.38
N ALA C 131 7.18 38.58 6.50
CA ALA C 131 7.94 37.44 6.96
C ALA C 131 9.26 37.86 7.58
N GLN C 132 9.89 38.91 7.03
CA GLN C 132 11.10 39.44 7.63
C GLN C 132 10.83 39.96 9.04
N ASP C 133 9.72 40.67 9.21
CA ASP C 133 9.37 41.17 10.54
C ASP C 133 9.15 40.04 11.53
N LEU C 134 8.45 38.98 11.10
CA LEU C 134 8.23 37.84 11.99
C LEU C 134 9.55 37.18 12.36
N ALA C 135 10.42 36.94 11.36
CA ALA C 135 11.72 36.31 11.63
C ALA C 135 12.56 37.16 12.58
N ARG C 136 12.55 38.48 12.39
CA ARG C 136 13.31 39.35 13.28
C ARG C 136 12.75 39.31 14.69
N SER C 137 11.42 39.22 14.83
CA SER C 137 10.84 39.16 16.17
C SER C 137 11.27 37.89 16.91
N TYR C 138 11.59 36.82 16.18
CA TYR C 138 12.09 35.57 16.73
C TYR C 138 13.60 35.51 16.84
N GLY C 139 14.32 36.45 16.21
CA GLY C 139 15.76 36.36 16.15
C GLY C 139 16.31 35.28 15.25
N ILE C 140 15.65 34.97 14.15
CA ILE C 140 16.10 33.90 13.26
C ILE C 140 16.17 34.42 11.82
N PRO C 141 16.95 33.75 10.97
CA PRO C 141 17.03 34.16 9.55
C PRO C 141 15.76 33.85 8.79
N TYR C 142 15.58 34.57 7.69
CA TYR C 142 14.48 34.34 6.75
C TYR C 142 15.06 34.08 5.37
N ILE C 143 14.63 33.01 4.72
CA ILE C 143 15.08 32.66 3.37
C ILE C 143 13.85 32.39 2.53
N GLU C 144 13.81 32.93 1.31
CA GLU C 144 12.73 32.58 0.38
C GLU C 144 13.26 31.63 -0.68
N THR C 145 12.43 30.67 -1.07
CA THR C 145 12.83 29.62 -2.00
C THR C 145 11.77 29.46 -3.07
N SER C 146 12.21 28.98 -4.23
CA SER C 146 11.30 28.59 -5.30
C SER C 146 11.23 27.08 -5.36
N ALA C 147 10.01 26.54 -5.45
CA ALA C 147 9.79 25.10 -5.57
C ALA C 147 10.06 24.57 -6.97
N LYS C 148 10.36 25.45 -7.91
CA LYS C 148 10.54 25.05 -9.30
C LYS C 148 11.92 25.32 -9.87
N THR C 149 12.61 26.36 -9.41
CA THR C 149 13.89 26.76 -10.02
C THR C 149 15.09 26.44 -9.15
N ARG C 150 14.89 25.87 -7.97
CA ARG C 150 15.89 25.58 -6.94
C ARG C 150 16.48 26.84 -6.30
N GLN C 151 16.02 28.04 -6.66
CA GLN C 151 16.56 29.24 -6.03
C GLN C 151 16.28 29.22 -4.53
N GLY C 152 17.28 29.61 -3.75
CA GLY C 152 17.13 29.71 -2.30
C GLY C 152 17.29 28.41 -1.54
N VAL C 153 17.27 27.26 -2.22
CA VAL C 153 17.23 25.98 -1.52
C VAL C 153 18.53 25.75 -0.75
N GLU C 154 19.67 25.90 -1.41
N GLU C 154 19.67 25.89 -1.42
CA GLU C 154 20.94 25.71 -0.72
CA GLU C 154 20.95 25.72 -0.73
C GLU C 154 21.11 26.74 0.41
C GLU C 154 21.08 26.73 0.41
N ASP C 155 20.70 27.99 0.15
CA ASP C 155 20.79 29.03 1.17
C ASP C 155 20.01 28.67 2.42
N ALA C 156 18.82 28.09 2.26
CA ALA C 156 18.00 27.76 3.43
C ALA C 156 18.71 26.72 4.30
N PHE C 157 19.20 25.65 3.68
CA PHE C 157 19.86 24.60 4.44
C PHE C 157 21.21 25.03 5.00
N TYR C 158 22.02 25.72 4.18
CA TYR C 158 23.34 26.15 4.65
C TYR C 158 23.21 27.19 5.77
N THR C 159 22.23 28.09 5.65
CA THR C 159 22.01 29.06 6.71
C THR C 159 21.66 28.36 8.03
N LEU C 160 20.81 27.32 7.97
CA LEU C 160 20.50 26.58 9.18
C LEU C 160 21.74 25.90 9.77
N VAL C 161 22.58 25.31 8.92
CA VAL C 161 23.81 24.69 9.46
C VAL C 161 24.68 25.74 10.14
N ARG C 162 24.75 26.95 9.56
CA ARG C 162 25.51 28.02 10.21
C ARG C 162 24.90 28.40 11.56
N GLU C 163 23.57 28.37 11.67
CA GLU C 163 22.92 28.63 12.96
C GLU C 163 23.30 27.58 13.99
N ILE C 164 23.39 26.32 13.57
CA ILE C 164 23.80 25.26 14.50
C ILE C 164 25.26 25.49 14.91
N ARG C 165 26.14 25.72 13.93
CA ARG C 165 27.55 25.89 14.22
C ARG C 165 27.81 27.07 15.15
N GLN C 166 27.00 28.11 15.05
CA GLN C 166 27.21 29.32 15.84
C GLN C 166 26.31 29.38 17.08
N HIS C 167 25.64 28.29 17.42
CA HIS C 167 24.78 28.27 18.59
C HIS C 167 25.59 28.49 19.87
PG GNP D . -12.00 -20.24 -15.15
O1G GNP D . -13.08 -19.93 -16.17
O2G GNP D . -11.38 -18.93 -14.66
O3G GNP D . -10.93 -21.17 -15.76
N3B GNP D . -12.76 -21.01 -13.83
PB GNP D . -11.98 -21.41 -12.44
O1B GNP D . -11.12 -22.63 -12.68
O2B GNP D . -11.20 -20.20 -11.94
O3A GNP D . -13.16 -21.79 -11.41
PA GNP D . -13.82 -20.81 -10.36
O1A GNP D . -12.83 -20.55 -9.23
O2A GNP D . -14.39 -19.60 -11.07
O5' GNP D . -14.94 -21.75 -9.79
C5' GNP D . -16.00 -22.25 -10.64
C4' GNP D . -17.16 -22.65 -9.76
O4' GNP D . -16.77 -23.76 -8.92
C3' GNP D . -17.67 -21.55 -8.82
O3' GNP D . -19.09 -21.61 -8.70
C2' GNP D . -17.01 -21.91 -7.48
O2' GNP D . -17.74 -21.44 -6.35
C1' GNP D . -17.00 -23.44 -7.56
N9 GNP D . -15.90 -24.02 -6.77
C8 GNP D . -14.56 -23.73 -6.88
N7 GNP D . -13.81 -24.41 -6.04
C5 GNP D . -14.72 -25.18 -5.33
C6 GNP D . -14.52 -26.13 -4.26
O6 GNP D . -13.46 -26.46 -3.74
N1 GNP D . -15.71 -26.70 -3.84
C2 GNP D . -16.95 -26.39 -4.35
N2 GNP D . -18.00 -27.03 -3.83
N3 GNP D . -17.15 -25.53 -5.35
C4 GNP D . -16.00 -24.96 -5.78
MG MG E . -10.83 -18.39 -12.81
C4 QTA F . 11.76 5.21 28.04
C5 QTA F . 12.02 4.98 26.69
C6 QTA F . 13.72 4.89 29.64
C7 QTA F . 14.94 4.60 29.03
C8 QTA F . 16.11 5.21 29.44
C10 QTA F . 14.86 6.46 31.10
N QTA F . 12.70 6.65 23.50
C QTA F . 11.49 5.77 25.65
O QTA F . 12.58 4.23 24.08
C1 QTA F . 10.66 6.85 25.99
C11 QTA F . 13.70 5.84 30.67
C2 QTA F . 10.38 7.13 27.34
C3 QTA F . 10.94 6.31 28.35
C9 QTA F . 16.08 6.15 30.48
O1 QTA F . 10.58 5.43 23.31
O2 QTA F . 11.46 4.22 30.34
O3 QTA F . 12.59 2.89 28.65
S QTA F . 11.80 5.39 24.04
S1 QTA F . 12.33 4.15 29.24
C4 QTA G . -3.89 -7.26 -5.70
C5 QTA G . -4.41 -7.90 -6.84
C6 QTA G . -1.34 -7.46 -5.32
C7 QTA G . -0.84 -7.95 -6.56
C8 QTA G . 0.37 -7.47 -7.07
C10 QTA G . 0.63 -6.01 -5.14
N QTA G . -4.63 -7.61 -10.16
C QTA G . -5.34 -7.29 -7.73
O QTA G . -5.86 -9.43 -9.04
C1 QTA G . -5.77 -6.00 -7.40
C11 QTA G . -0.57 -6.50 -4.64
C2 QTA G . -5.29 -5.34 -6.29
C3 QTA G . -4.36 -5.96 -5.45
C9 QTA G . 1.11 -6.50 -6.37
O1 QTA G . -7.01 -7.33 -9.64
O2 QTA G . -2.89 -7.42 -3.38
O3 QTA G . -2.89 -9.42 -4.78
S QTA G . -5.86 -8.01 -9.17
S1 QTA G . -2.75 -8.00 -4.66
C FMT H . -18.47 -12.96 33.81
O1 FMT H . -17.52 -13.50 33.27
O2 FMT H . -18.37 -12.09 34.68
C FMT I . -4.55 -12.92 -20.97
O1 FMT I . -4.23 -11.73 -20.91
O2 FMT I . -3.89 -13.80 -21.52
C FMT J . -0.17 -5.04 -30.70
O1 FMT J . -1.09 -5.57 -30.06
O2 FMT J . 0.74 -5.71 -31.20
C FMT K . -10.13 5.55 45.90
O1 FMT K . -8.95 5.28 46.09
O2 FMT K . -10.53 6.59 45.36
C FMT L . 3.44 -11.96 -34.91
O1 FMT L . 3.30 -11.00 -35.67
O2 FMT L . 3.22 -11.92 -33.70
C1 GOL M . -11.02 -9.72 9.90
O1 GOL M . -12.01 -10.06 8.97
C2 GOL M . -10.97 -8.20 9.90
O2 GOL M . -12.14 -7.67 10.47
C3 GOL M . -9.69 -7.78 10.67
O3 GOL M . -8.57 -8.35 10.02
C1 GOL N . -2.97 -12.08 21.55
O1 GOL N . -4.06 -12.69 20.98
C2 GOL N . -2.33 -13.09 22.53
O2 GOL N . -2.20 -14.34 21.98
C3 GOL N . -0.95 -12.49 22.81
O3 GOL N . -0.88 -12.27 24.20
C FMT O . -6.29 -3.91 -10.85
O1 FMT O . -7.34 -4.27 -11.36
O2 FMT O . -6.23 -3.06 -9.96
C FMT P . 3.85 18.99 0.75
O1 FMT P . 4.80 18.76 0.02
O2 FMT P . 3.78 18.75 1.96
NA NA Q . -3.76 32.87 1.39
#